data_8SY9
#
_entry.id   8SY9
#
_cell.length_a   56.538
_cell.length_b   128.410
_cell.length_c   58.490
_cell.angle_alpha   90.00
_cell.angle_beta   112.61
_cell.angle_gamma   90.00
#
_symmetry.space_group_name_H-M   'P 1 21 1'
#
loop_
_entity.id
_entity.type
_entity.pdbx_description
1 polymer 'UDP-2,3-diacetamido-2,3-dideoxy-glucuronic acid-2-epimerase'
2 non-polymer '(2~{S},3~{S},4~{R},5~{R},6~{R})-4,5-diacetamido-6-[[[(2~{R},3~{S},4~{R},5~{R})-5-[2,4-bis(oxidanylidene)pyrimidin-1-yl]-3,4-bis(oxidanyl)oxolan-2-yl]methoxy-oxidanyl-phosphoryl]oxy-oxidanyl-phosphoryl]oxy-3-oxidanyl-oxane-2-carboxylic acid'
3 non-polymer "URIDINE-5'-DIPHOSPHATE"
4 non-polymer URIDINE-DIPHOSPHATE-N-ACETYLGLUCOSAMINE
5 water water
#
_entity_poly.entity_id   1
_entity_poly.type   'polypeptide(L)'
_entity_poly.pdbx_seq_one_letter_code
;MWVKILSVVGARPQFIKAAAVSRVLRASPGVREVLVHTGQHYDDNMSQVFFEELEIPDPDYHLGIGGGTHGQNTGRMLEA
IEGVLLKEKPDWVLVYGNTDSTLAGALAAVKLHIPVAHVEAGLRSFNRRMPEEINRILTDHASDLLFAPTETAVQNLLRE
GIPENRIHLVGDVMYDAALHYGAKAERKSRILERLGLQAKGYVLATIHRAENTDDQERLRVILEALAEVHQEVPVVFPVH
PRTRKRAEAFGLGSYLEKVVALEPVGYLDMVMLEKNARLIVTDSGGVQKEAYFYRVPCVTVREETEWVELLKAEWNYLAA
PQNAKDLALTILHRMRTKGVEIDLYGDGRASQKISDFLRKVGIRTLEHHHHHH
;
_entity_poly.pdbx_strand_id   A,B
#
loop_
_chem_comp.id
_chem_comp.type
_chem_comp.name
_chem_comp.formula
MJL non-polymer '(2~{S},3~{S},4~{R},5~{R},6~{R})-4,5-diacetamido-6-[[[(2~{R},3~{S},4~{R},5~{R})-5-[2,4-bis(oxidanylidene)pyrimidin-1-yl]-3,4-bis(oxidanyl)oxolan-2-yl]methoxy-oxidanyl-phosphoryl]oxy-oxidanyl-phosphoryl]oxy-3-oxidanyl-oxane-2-carboxylic acid' 'C19 H28 N4 O18 P2'
UD1 non-polymer URIDINE-DIPHOSPHATE-N-ACETYLGLUCOSAMINE 'C17 H27 N3 O17 P2'
UDP RNA linking URIDINE-5'-DIPHOSPHATE 'C9 H14 N2 O12 P2'
#
# COMPACT_ATOMS: atom_id res chain seq x y z
N MET A 1 23.84 -20.71 -2.67
CA MET A 1 23.38 -21.65 -3.71
C MET A 1 21.84 -21.63 -3.80
N TRP A 2 21.15 -22.13 -2.75
CA TRP A 2 19.68 -22.13 -2.75
C TRP A 2 19.20 -20.72 -2.47
N VAL A 3 18.58 -20.12 -3.50
CA VAL A 3 17.67 -18.99 -3.34
C VAL A 3 16.33 -19.58 -2.90
N LYS A 4 15.72 -19.05 -1.83
CA LYS A 4 14.38 -19.45 -1.47
C LYS A 4 13.35 -18.45 -2.00
N ILE A 5 12.47 -18.89 -2.93
CA ILE A 5 11.44 -18.05 -3.55
C ILE A 5 10.09 -18.40 -2.94
N LEU A 6 9.48 -17.46 -2.22
CA LEU A 6 8.23 -17.74 -1.53
C LEU A 6 7.09 -17.09 -2.32
N SER A 7 6.09 -17.94 -2.64
CA SER A 7 4.97 -17.53 -3.47
C SER A 7 3.73 -17.33 -2.61
N VAL A 8 3.12 -16.14 -2.66
CA VAL A 8 1.86 -15.87 -1.98
C VAL A 8 0.69 -15.91 -2.97
N VAL A 9 -0.22 -16.87 -2.78
CA VAL A 9 -1.39 -17.01 -3.62
C VAL A 9 -2.65 -17.14 -2.75
N GLY A 10 -3.76 -16.62 -3.28
CA GLY A 10 -5.04 -16.68 -2.61
C GLY A 10 -6.22 -16.99 -3.53
N ALA A 11 -6.16 -16.58 -4.80
CA ALA A 11 -7.30 -16.74 -5.70
C ALA A 11 -6.98 -17.65 -6.88
N ARG A 12 -8.03 -18.34 -7.31
CA ARG A 12 -8.07 -19.15 -8.52
C ARG A 12 -7.05 -18.63 -9.54
N PRO A 13 -7.26 -17.41 -10.10
CA PRO A 13 -6.37 -16.91 -11.14
C PRO A 13 -4.90 -16.86 -10.75
N GLN A 14 -4.66 -16.78 -9.45
CA GLN A 14 -3.30 -16.77 -8.92
C GLN A 14 -2.77 -18.20 -8.88
N PHE A 15 -3.64 -19.18 -8.60
CA PHE A 15 -3.21 -20.56 -8.58
C PHE A 15 -2.74 -20.98 -9.97
N ILE A 16 -3.49 -20.55 -10.97
CA ILE A 16 -3.11 -20.76 -12.35
C ILE A 16 -1.81 -20.04 -12.71
N LYS A 17 -1.63 -18.76 -12.31
CA LYS A 17 -0.36 -18.11 -12.63
C LYS A 17 0.76 -18.91 -11.98
N ALA A 18 0.56 -19.26 -10.69
CA ALA A 18 1.60 -19.87 -9.88
C ALA A 18 1.99 -21.22 -10.46
N ALA A 19 1.02 -22.02 -10.94
CA ALA A 19 1.30 -23.33 -11.51
C ALA A 19 2.31 -23.24 -12.66
N ALA A 20 2.30 -22.14 -13.43
CA ALA A 20 3.23 -21.97 -14.53
C ALA A 20 4.61 -21.64 -14.00
N VAL A 21 4.67 -20.83 -12.95
CA VAL A 21 5.95 -20.41 -12.40
C VAL A 21 6.51 -21.50 -11.48
N SER A 22 5.66 -22.37 -10.93
CA SER A 22 6.12 -23.43 -10.04
C SER A 22 6.82 -24.54 -10.86
N ARG A 23 6.13 -25.01 -11.89
CA ARG A 23 6.71 -25.89 -12.87
C ARG A 23 8.15 -25.49 -13.15
N VAL A 24 8.42 -24.21 -13.39
CA VAL A 24 9.75 -23.80 -13.84
C VAL A 24 10.74 -23.68 -12.67
N LEU A 25 10.29 -23.31 -11.48
CA LEU A 25 11.22 -23.13 -10.39
C LEU A 25 11.52 -24.49 -9.76
N ARG A 26 10.55 -25.40 -9.82
CA ARG A 26 10.71 -26.75 -9.31
C ARG A 26 12.03 -27.33 -9.83
N ALA A 27 12.13 -27.42 -11.17
CA ALA A 27 13.28 -28.00 -11.83
C ALA A 27 14.35 -26.95 -12.11
N SER A 28 14.39 -25.87 -11.30
CA SER A 28 15.47 -24.90 -11.38
C SER A 28 16.66 -25.41 -10.56
N PRO A 29 17.91 -25.08 -10.97
CA PRO A 29 19.10 -25.74 -10.46
C PRO A 29 19.01 -25.82 -8.94
N GLY A 30 19.18 -24.66 -8.30
CA GLY A 30 19.23 -24.54 -6.85
C GLY A 30 18.30 -23.45 -6.35
N VAL A 31 17.00 -23.72 -6.53
CA VAL A 31 15.92 -22.86 -6.09
C VAL A 31 15.06 -23.72 -5.18
N ARG A 32 14.81 -23.23 -3.96
CA ARG A 32 13.74 -23.77 -3.13
C ARG A 32 12.53 -22.82 -3.20
N GLU A 33 11.36 -23.44 -3.38
CA GLU A 33 10.09 -22.76 -3.57
C GLU A 33 9.26 -23.05 -2.33
N VAL A 34 8.77 -21.99 -1.68
CA VAL A 34 7.79 -22.14 -0.61
C VAL A 34 6.50 -21.48 -1.08
N LEU A 35 5.40 -22.21 -0.90
CA LEU A 35 4.09 -21.77 -1.36
C LEU A 35 3.17 -21.51 -0.18
N VAL A 36 2.64 -20.29 -0.10
CA VAL A 36 1.68 -19.94 0.92
C VAL A 36 0.33 -19.71 0.25
N HIS A 37 -0.68 -20.43 0.75
CA HIS A 37 -2.06 -20.25 0.35
C HIS A 37 -2.79 -19.44 1.41
N THR A 38 -3.20 -18.20 1.06
CA THR A 38 -3.82 -17.27 2.01
C THR A 38 -5.19 -17.74 2.48
N GLY A 39 -5.87 -18.58 1.68
CA GLY A 39 -7.16 -19.16 2.06
C GLY A 39 -8.33 -18.41 1.41
N GLN A 40 -8.02 -17.30 0.71
CA GLN A 40 -9.00 -16.39 0.14
C GLN A 40 -10.08 -17.16 -0.64
N HIS A 41 -9.68 -18.05 -1.54
CA HIS A 41 -10.57 -19.03 -2.16
C HIS A 41 -10.37 -20.39 -1.50
N TYR A 42 -11.45 -20.96 -0.94
CA TYR A 42 -11.39 -22.10 -0.03
C TYR A 42 -12.13 -23.31 -0.61
N ASP A 43 -13.27 -23.07 -1.30
CA ASP A 43 -14.11 -24.10 -1.89
C ASP A 43 -13.36 -25.01 -2.85
N ASP A 44 -13.85 -26.26 -2.98
CA ASP A 44 -13.16 -27.27 -3.76
C ASP A 44 -12.98 -26.81 -5.20
N ASN A 45 -14.01 -26.17 -5.78
CA ASN A 45 -14.04 -25.88 -7.21
C ASN A 45 -13.40 -24.52 -7.56
N MET A 46 -12.90 -23.79 -6.54
CA MET A 46 -12.22 -22.50 -6.67
C MET A 46 -10.74 -22.64 -6.27
N SER A 47 -10.37 -23.77 -5.67
CA SER A 47 -9.04 -23.90 -5.09
C SER A 47 -8.47 -25.29 -5.36
N GLN A 48 -8.92 -26.29 -4.62
CA GLN A 48 -8.32 -27.61 -4.63
C GLN A 48 -8.22 -28.17 -6.06
N VAL A 49 -9.22 -27.90 -6.89
CA VAL A 49 -9.26 -28.54 -8.20
C VAL A 49 -8.07 -28.04 -9.01
N PHE A 50 -7.58 -26.83 -8.73
CA PHE A 50 -6.47 -26.28 -9.50
C PHE A 50 -5.15 -26.87 -9.04
N PHE A 51 -4.99 -27.14 -7.73
CA PHE A 51 -3.80 -27.81 -7.23
C PHE A 51 -3.74 -29.23 -7.80
N GLU A 52 -4.88 -29.95 -7.78
CA GLU A 52 -4.94 -31.29 -8.33
C GLU A 52 -4.64 -31.31 -9.84
N GLU A 53 -5.37 -30.52 -10.65
CA GLU A 53 -5.31 -30.67 -12.10
C GLU A 53 -4.05 -30.04 -12.71
N LEU A 54 -3.51 -29.00 -12.06
CA LEU A 54 -2.32 -28.32 -12.58
C LEU A 54 -1.07 -28.77 -11.83
N GLU A 55 -1.17 -29.86 -11.04
CA GLU A 55 -0.01 -30.52 -10.47
C GLU A 55 0.80 -29.46 -9.72
N ILE A 56 0.13 -28.75 -8.81
CA ILE A 56 0.79 -27.73 -8.00
C ILE A 56 1.05 -28.39 -6.66
N PRO A 57 2.29 -28.31 -6.14
CA PRO A 57 2.60 -28.98 -4.88
C PRO A 57 1.71 -28.42 -3.78
N ASP A 58 1.52 -29.20 -2.71
CA ASP A 58 0.71 -28.76 -1.59
C ASP A 58 1.38 -27.53 -0.98
N PRO A 59 0.58 -26.49 -0.62
CA PRO A 59 1.11 -25.37 0.14
C PRO A 59 1.87 -25.83 1.38
N ASP A 60 3.01 -25.18 1.61
CA ASP A 60 3.73 -25.31 2.87
C ASP A 60 2.87 -24.69 3.98
N TYR A 61 1.97 -23.74 3.63
CA TYR A 61 1.09 -23.10 4.62
C TYR A 61 -0.27 -22.83 3.99
N HIS A 62 -1.34 -22.98 4.80
CA HIS A 62 -2.68 -22.50 4.49
C HIS A 62 -3.15 -21.65 5.66
N LEU A 63 -3.32 -20.34 5.42
CA LEU A 63 -3.62 -19.39 6.48
C LEU A 63 -5.11 -19.43 6.80
N GLY A 64 -5.94 -19.91 5.87
CA GLY A 64 -7.36 -20.08 6.15
C GLY A 64 -8.05 -18.75 6.46
N ILE A 65 -7.86 -17.76 5.59
CA ILE A 65 -8.37 -16.41 5.80
C ILE A 65 -9.17 -16.02 4.56
N GLY A 66 -10.46 -15.72 4.78
CA GLY A 66 -11.43 -15.57 3.71
C GLY A 66 -12.77 -15.04 4.21
N GLY A 67 -13.56 -14.45 3.30
CA GLY A 67 -14.99 -14.21 3.45
C GLY A 67 -15.36 -13.13 4.47
N GLY A 68 -14.45 -12.21 4.69
CA GLY A 68 -14.75 -11.04 5.48
C GLY A 68 -14.63 -9.78 4.64
N THR A 69 -14.51 -8.65 5.33
CA THR A 69 -14.32 -7.38 4.68
C THR A 69 -12.92 -7.30 4.11
N HIS A 70 -12.68 -6.24 3.34
CA HIS A 70 -11.35 -5.83 2.93
C HIS A 70 -10.42 -5.66 4.14
N GLY A 71 -10.88 -4.94 5.16
CA GLY A 71 -10.11 -4.74 6.38
C GLY A 71 -9.75 -6.05 7.09
N GLN A 72 -10.72 -6.97 7.21
CA GLN A 72 -10.49 -8.22 7.93
C GLN A 72 -9.49 -9.07 7.16
N ASN A 73 -9.82 -9.33 5.89
CA ASN A 73 -9.08 -10.28 5.08
C ASN A 73 -7.64 -9.81 4.92
N THR A 74 -7.47 -8.54 4.53
CA THR A 74 -6.17 -7.93 4.33
C THR A 74 -5.42 -7.87 5.66
N GLY A 75 -6.07 -7.31 6.67
CA GLY A 75 -5.45 -7.13 7.98
C GLY A 75 -4.87 -8.41 8.55
N ARG A 76 -5.60 -9.52 8.39
CA ARG A 76 -5.20 -10.76 9.02
C ARG A 76 -4.18 -11.48 8.15
N MET A 77 -4.41 -11.42 6.85
CA MET A 77 -3.41 -11.96 5.92
C MET A 77 -2.07 -11.26 6.16
N LEU A 78 -2.11 -9.95 6.47
CA LEU A 78 -0.89 -9.23 6.72
C LEU A 78 -0.15 -9.80 7.94
N GLU A 79 -0.87 -10.04 9.04
CA GLU A 79 -0.28 -10.57 10.27
C GLU A 79 0.17 -12.01 10.05
N ALA A 80 -0.67 -12.85 9.42
CA ALA A 80 -0.38 -14.27 9.23
C ALA A 80 0.84 -14.51 8.32
N ILE A 81 0.86 -13.82 7.18
CA ILE A 81 1.94 -13.89 6.20
C ILE A 81 3.27 -13.39 6.77
N GLU A 82 3.25 -12.31 7.54
CA GLU A 82 4.46 -11.86 8.21
C GLU A 82 4.97 -12.98 9.11
N GLY A 83 4.07 -13.66 9.85
CA GLY A 83 4.46 -14.74 10.74
C GLY A 83 5.25 -15.80 9.99
N VAL A 84 4.79 -16.12 8.78
CA VAL A 84 5.45 -17.12 7.95
C VAL A 84 6.77 -16.58 7.40
N LEU A 85 6.80 -15.36 6.86
CA LEU A 85 8.05 -14.75 6.39
C LEU A 85 9.13 -14.75 7.49
N LEU A 86 8.76 -14.50 8.75
CA LEU A 86 9.71 -14.47 9.84
C LEU A 86 10.28 -15.87 10.08
N LYS A 87 9.44 -16.91 9.94
CA LYS A 87 9.86 -18.29 10.09
C LYS A 87 10.70 -18.75 8.91
N GLU A 88 10.30 -18.39 7.68
CA GLU A 88 10.90 -18.96 6.48
C GLU A 88 12.07 -18.13 5.94
N LYS A 89 12.10 -16.84 6.26
CA LYS A 89 13.17 -15.97 5.80
C LYS A 89 13.52 -16.28 4.35
N PRO A 90 12.62 -16.08 3.37
CA PRO A 90 12.97 -16.27 1.95
C PRO A 90 13.80 -15.14 1.38
N ASP A 91 14.33 -15.35 0.18
CA ASP A 91 15.16 -14.37 -0.49
C ASP A 91 14.29 -13.43 -1.33
N TRP A 92 13.26 -14.03 -1.96
CA TRP A 92 12.23 -13.33 -2.72
C TRP A 92 10.84 -13.72 -2.23
N VAL A 93 9.93 -12.71 -2.17
CA VAL A 93 8.50 -12.98 -2.16
C VAL A 93 7.95 -12.63 -3.55
N LEU A 94 7.19 -13.56 -4.12
CA LEU A 94 6.47 -13.32 -5.37
C LEU A 94 5.00 -13.21 -5.02
N VAL A 95 4.37 -12.14 -5.53
CA VAL A 95 2.93 -11.96 -5.45
C VAL A 95 2.37 -11.89 -6.86
N TYR A 96 1.07 -12.17 -6.98
CA TYR A 96 0.45 -12.38 -8.28
C TYR A 96 -0.84 -11.60 -8.37
N GLY A 97 -1.00 -10.89 -9.49
CA GLY A 97 -2.30 -10.34 -9.85
C GLY A 97 -2.63 -9.13 -8.98
N ASN A 98 -3.86 -9.06 -8.47
CA ASN A 98 -4.27 -7.85 -7.76
C ASN A 98 -5.41 -8.06 -6.76
N THR A 99 -5.33 -9.07 -5.88
CA THR A 99 -6.33 -9.20 -4.82
C THR A 99 -5.77 -8.71 -3.48
N ASP A 100 -6.58 -8.79 -2.44
CA ASP A 100 -6.12 -8.40 -1.11
C ASP A 100 -4.92 -9.26 -0.70
N SER A 101 -4.86 -10.51 -1.20
CA SER A 101 -3.78 -11.44 -0.89
C SER A 101 -2.47 -10.96 -1.51
N THR A 102 -2.50 -10.54 -2.78
CA THR A 102 -1.37 -9.86 -3.42
C THR A 102 -0.82 -8.73 -2.56
N LEU A 103 -1.68 -7.80 -2.15
CA LEU A 103 -1.22 -6.62 -1.45
C LEU A 103 -0.70 -6.98 -0.06
N ALA A 104 -1.35 -7.92 0.63
CA ALA A 104 -0.97 -8.28 1.98
C ALA A 104 0.41 -8.94 1.97
N GLY A 105 0.58 -9.89 1.03
CA GLY A 105 1.85 -10.55 0.82
C GLY A 105 2.95 -9.51 0.65
N ALA A 106 2.77 -8.59 -0.31
CA ALA A 106 3.83 -7.64 -0.64
C ALA A 106 4.19 -6.79 0.58
N LEU A 107 3.15 -6.29 1.25
CA LEU A 107 3.30 -5.34 2.33
C LEU A 107 3.92 -6.04 3.53
N ALA A 108 3.59 -7.32 3.73
CA ALA A 108 4.22 -8.07 4.80
C ALA A 108 5.74 -8.06 4.60
N ALA A 109 6.15 -8.30 3.33
CA ALA A 109 7.52 -8.57 2.95
C ALA A 109 8.38 -7.29 2.94
N VAL A 110 7.91 -6.23 2.28
CA VAL A 110 8.75 -5.06 2.16
C VAL A 110 9.12 -4.57 3.55
N LYS A 111 8.21 -4.65 4.52
CA LYS A 111 8.55 -4.18 5.86
C LYS A 111 9.62 -5.07 6.54
N LEU A 112 9.92 -6.26 6.01
CA LEU A 112 10.98 -7.13 6.54
C LEU A 112 12.23 -7.05 5.68
N HIS A 113 12.24 -6.12 4.70
CA HIS A 113 13.35 -5.93 3.77
C HIS A 113 13.49 -7.15 2.86
N ILE A 114 12.47 -8.01 2.79
CA ILE A 114 12.45 -9.13 1.86
C ILE A 114 12.02 -8.63 0.48
N PRO A 115 12.84 -8.78 -0.57
CA PRO A 115 12.48 -8.37 -1.93
C PRO A 115 11.17 -8.96 -2.45
N VAL A 116 10.46 -8.16 -3.24
CA VAL A 116 9.12 -8.52 -3.67
C VAL A 116 9.09 -8.42 -5.18
N ALA A 117 8.67 -9.52 -5.82
CA ALA A 117 8.47 -9.48 -7.26
C ALA A 117 6.98 -9.63 -7.53
N HIS A 118 6.49 -8.75 -8.40
CA HIS A 118 5.10 -8.73 -8.84
C HIS A 118 5.00 -9.37 -10.23
N VAL A 119 4.42 -10.58 -10.22
CA VAL A 119 4.05 -11.27 -11.44
C VAL A 119 2.71 -10.71 -11.91
N GLU A 120 2.72 -10.17 -13.16
CA GLU A 120 1.64 -9.43 -13.82
C GLU A 120 1.52 -8.02 -13.22
N ALA A 121 2.40 -7.12 -13.68
CA ALA A 121 2.57 -5.82 -13.09
C ALA A 121 2.27 -4.75 -14.11
N GLY A 122 1.73 -3.61 -13.67
CA GLY A 122 1.65 -2.46 -14.54
C GLY A 122 0.33 -2.31 -15.28
N LEU A 123 -0.65 -3.19 -15.01
CA LEU A 123 -1.98 -3.10 -15.60
C LEU A 123 -2.76 -2.00 -14.89
N ARG A 124 -3.59 -1.29 -15.67
CA ARG A 124 -4.35 -0.14 -15.21
C ARG A 124 -5.73 -0.09 -15.89
N SER A 125 -6.79 0.07 -15.09
CA SER A 125 -8.10 0.40 -15.60
C SER A 125 -8.30 1.92 -15.62
N PHE A 126 -7.48 2.63 -14.84
CA PHE A 126 -7.58 4.07 -14.61
C PHE A 126 -8.93 4.43 -14.01
N ASN A 127 -9.53 3.48 -13.28
CA ASN A 127 -10.64 3.77 -12.42
C ASN A 127 -10.22 3.54 -10.97
N ARG A 128 -9.76 4.61 -10.29
CA ARG A 128 -9.16 4.44 -8.98
C ARG A 128 -10.19 4.10 -7.89
N ARG A 129 -11.47 4.07 -8.23
CA ARG A 129 -12.47 3.70 -7.24
C ARG A 129 -12.55 2.18 -7.10
N MET A 130 -12.03 1.45 -8.08
CA MET A 130 -12.04 0.00 -8.03
C MET A 130 -11.02 -0.53 -7.01
N PRO A 131 -11.41 -1.47 -6.12
CA PRO A 131 -10.44 -2.10 -5.22
C PRO A 131 -9.32 -2.86 -5.93
N GLU A 132 -9.58 -3.42 -7.10
CA GLU A 132 -8.50 -4.05 -7.85
C GLU A 132 -7.51 -3.02 -8.41
N GLU A 133 -7.94 -1.79 -8.78
CA GLU A 133 -6.97 -0.82 -9.28
C GLU A 133 -6.02 -0.37 -8.17
N ILE A 134 -6.56 -0.17 -6.98
CA ILE A 134 -5.77 0.21 -5.81
C ILE A 134 -4.79 -0.93 -5.48
N ASN A 135 -5.24 -2.18 -5.56
CA ASN A 135 -4.36 -3.27 -5.20
C ASN A 135 -3.20 -3.38 -6.19
N ARG A 136 -3.47 -3.13 -7.47
CA ARG A 136 -2.36 -3.26 -8.38
C ARG A 136 -1.44 -2.05 -8.29
N ILE A 137 -1.95 -0.84 -8.03
CA ILE A 137 -1.08 0.33 -7.92
C ILE A 137 -0.19 0.23 -6.67
N LEU A 138 -0.79 -0.14 -5.52
CA LEU A 138 -0.05 -0.20 -4.26
C LEU A 138 0.93 -1.37 -4.32
N THR A 139 0.56 -2.45 -5.01
CA THR A 139 1.44 -3.61 -5.13
C THR A 139 2.65 -3.24 -5.96
N ASP A 140 2.44 -2.71 -7.18
CA ASP A 140 3.53 -2.26 -8.04
C ASP A 140 4.48 -1.31 -7.29
N HIS A 141 3.92 -0.36 -6.55
CA HIS A 141 4.79 0.61 -5.91
C HIS A 141 5.50 0.04 -4.67
N ALA A 142 5.09 -1.12 -4.17
CA ALA A 142 5.78 -1.72 -3.03
C ALA A 142 6.82 -2.76 -3.48
N SER A 143 6.77 -3.17 -4.74
CA SER A 143 7.60 -4.26 -5.20
C SER A 143 8.99 -3.73 -5.56
N ASP A 144 9.96 -4.64 -5.65
CA ASP A 144 11.29 -4.32 -6.14
C ASP A 144 11.41 -4.68 -7.62
N LEU A 145 10.77 -5.79 -8.03
CA LEU A 145 10.75 -6.20 -9.43
C LEU A 145 9.33 -6.21 -9.97
N LEU A 146 9.22 -5.82 -11.25
CA LEU A 146 7.91 -5.73 -11.86
C LEU A 146 7.87 -6.50 -13.17
N PHE A 147 7.19 -7.66 -13.14
CA PHE A 147 7.08 -8.53 -14.29
C PHE A 147 5.85 -8.18 -15.12
N ALA A 148 6.07 -7.26 -16.06
CA ALA A 148 5.07 -6.77 -16.99
C ALA A 148 4.71 -7.82 -18.05
N PRO A 149 3.43 -8.05 -18.38
CA PRO A 149 3.06 -8.91 -19.51
C PRO A 149 2.82 -8.21 -20.85
N THR A 150 2.80 -6.87 -20.85
CA THR A 150 2.55 -6.14 -22.08
C THR A 150 3.32 -4.83 -22.09
N GLU A 151 3.45 -4.27 -23.28
CA GLU A 151 4.12 -3.00 -23.47
C GLU A 151 3.33 -1.89 -22.78
N THR A 152 2.00 -1.99 -22.84
CA THR A 152 1.17 -0.98 -22.19
C THR A 152 1.52 -0.98 -20.71
N ALA A 153 1.59 -2.18 -20.13
CA ALA A 153 1.81 -2.33 -18.71
C ALA A 153 3.13 -1.66 -18.34
N VAL A 154 4.11 -1.76 -19.24
CA VAL A 154 5.43 -1.18 -19.03
C VAL A 154 5.36 0.34 -19.05
N GLN A 155 4.62 0.91 -20.01
CA GLN A 155 4.47 2.35 -20.10
C GLN A 155 3.74 2.88 -18.88
N ASN A 156 2.81 2.07 -18.34
CA ASN A 156 2.03 2.45 -17.18
C ASN A 156 2.92 2.58 -15.94
N LEU A 157 3.88 1.66 -15.79
CA LEU A 157 4.81 1.68 -14.69
C LEU A 157 5.80 2.84 -14.85
N LEU A 158 6.28 3.08 -16.07
CA LEU A 158 7.20 4.19 -16.26
C LEU A 158 6.53 5.51 -15.92
N ARG A 159 5.25 5.66 -16.28
CA ARG A 159 4.50 6.89 -16.09
C ARG A 159 4.34 7.21 -14.59
N GLU A 160 4.40 6.19 -13.71
CA GLU A 160 4.31 6.43 -12.27
C GLU A 160 5.70 6.36 -11.61
N GLY A 161 6.75 6.76 -12.34
CA GLY A 161 8.04 7.07 -11.75
C GLY A 161 8.87 5.83 -11.43
N ILE A 162 8.37 4.65 -11.80
CA ILE A 162 9.08 3.44 -11.48
C ILE A 162 10.15 3.25 -12.54
N PRO A 163 11.43 3.08 -12.14
CA PRO A 163 12.55 3.08 -13.09
C PRO A 163 12.72 1.83 -13.96
N GLU A 164 12.95 2.07 -15.25
CA GLU A 164 13.38 1.13 -16.29
C GLU A 164 14.01 -0.14 -15.75
N ASN A 165 14.94 0.01 -14.80
CA ASN A 165 15.85 -1.08 -14.46
C ASN A 165 15.19 -2.04 -13.46
N ARG A 166 13.95 -1.77 -13.04
CA ARG A 166 13.22 -2.70 -12.16
C ARG A 166 12.02 -3.32 -12.90
N ILE A 167 11.88 -2.97 -14.18
CA ILE A 167 10.79 -3.47 -15.00
C ILE A 167 11.34 -4.43 -16.04
N HIS A 168 10.77 -5.64 -16.09
CA HIS A 168 11.10 -6.61 -17.13
C HIS A 168 9.82 -7.02 -17.85
N LEU A 169 9.81 -6.77 -19.16
CA LEU A 169 8.72 -7.22 -20.01
C LEU A 169 8.93 -8.69 -20.33
N VAL A 170 8.12 -9.56 -19.72
CA VAL A 170 8.31 -11.00 -19.78
C VAL A 170 7.11 -11.70 -20.44
N GLY A 171 6.08 -10.95 -20.83
CA GLY A 171 4.88 -11.59 -21.35
C GLY A 171 4.03 -12.18 -20.23
N ASP A 172 3.10 -13.05 -20.60
CA ASP A 172 2.07 -13.42 -19.63
C ASP A 172 2.22 -14.88 -19.27
N VAL A 173 2.38 -15.16 -17.98
CA VAL A 173 2.57 -16.54 -17.51
C VAL A 173 1.30 -17.35 -17.74
N MET A 174 0.17 -16.71 -18.06
CA MET A 174 -1.06 -17.45 -18.23
C MET A 174 -1.14 -18.01 -19.64
N TYR A 175 -0.39 -17.39 -20.57
CA TYR A 175 -0.10 -17.99 -21.87
C TYR A 175 0.80 -19.23 -21.70
N ASP A 176 1.85 -19.17 -20.87
CA ASP A 176 2.60 -20.38 -20.52
C ASP A 176 1.65 -21.49 -20.04
N ALA A 177 0.67 -21.15 -19.20
CA ALA A 177 -0.17 -22.16 -18.56
C ALA A 177 -1.04 -22.81 -19.61
N ALA A 178 -1.48 -21.99 -20.57
CA ALA A 178 -2.36 -22.47 -21.61
C ALA A 178 -1.61 -23.43 -22.55
N LEU A 179 -0.37 -23.10 -22.91
CA LEU A 179 0.49 -24.01 -23.65
C LEU A 179 0.75 -25.31 -22.87
N HIS A 180 1.20 -25.25 -21.61
CA HIS A 180 1.64 -26.46 -20.93
C HIS A 180 0.47 -27.43 -20.70
N TYR A 181 -0.77 -26.93 -20.46
CA TYR A 181 -1.84 -27.81 -19.99
C TYR A 181 -2.89 -28.11 -21.06
N GLY A 182 -2.79 -27.52 -22.26
CA GLY A 182 -3.77 -27.76 -23.30
C GLY A 182 -3.94 -29.25 -23.65
N ALA A 183 -2.83 -29.97 -23.74
CA ALA A 183 -2.90 -31.39 -24.07
C ALA A 183 -3.60 -32.15 -22.94
N LYS A 184 -3.19 -31.88 -21.69
CA LYS A 184 -3.81 -32.53 -20.56
C LYS A 184 -5.32 -32.29 -20.59
N ALA A 185 -5.72 -31.10 -21.04
CA ALA A 185 -7.12 -30.73 -21.18
C ALA A 185 -7.83 -31.61 -22.22
N GLU A 186 -7.14 -31.90 -23.31
CA GLU A 186 -7.70 -32.69 -24.40
C GLU A 186 -8.03 -34.09 -23.92
N ARG A 187 -7.14 -34.68 -23.12
CA ARG A 187 -7.21 -36.11 -22.87
C ARG A 187 -7.89 -36.42 -21.54
N LYS A 188 -8.26 -35.39 -20.77
CA LYS A 188 -8.92 -35.65 -19.50
C LYS A 188 -10.35 -35.08 -19.48
N SER A 189 -10.60 -33.93 -20.12
CA SER A 189 -11.88 -33.26 -19.96
C SER A 189 -12.91 -33.81 -20.95
N ARG A 190 -14.10 -34.16 -20.44
CA ARG A 190 -15.19 -34.65 -21.28
C ARG A 190 -16.40 -33.73 -21.18
N ILE A 191 -16.16 -32.45 -20.89
CA ILE A 191 -17.25 -31.56 -20.49
C ILE A 191 -18.18 -31.31 -21.67
N LEU A 192 -17.64 -31.23 -22.89
CA LEU A 192 -18.48 -31.18 -24.06
C LEU A 192 -19.45 -32.37 -24.08
N GLU A 193 -18.98 -33.56 -23.67
CA GLU A 193 -19.82 -34.75 -23.63
C GLU A 193 -20.92 -34.57 -22.58
N ARG A 194 -20.50 -34.38 -21.33
CA ARG A 194 -21.37 -34.23 -20.16
C ARG A 194 -22.50 -33.23 -20.39
N LEU A 195 -22.24 -32.16 -21.15
CA LEU A 195 -23.23 -31.11 -21.40
C LEU A 195 -23.96 -31.36 -22.72
N GLY A 196 -23.49 -32.32 -23.53
CA GLY A 196 -24.07 -32.54 -24.84
C GLY A 196 -23.95 -31.29 -25.70
N LEU A 197 -22.72 -30.79 -25.81
CA LEU A 197 -22.39 -29.63 -26.61
C LEU A 197 -21.51 -30.05 -27.78
N GLN A 198 -21.92 -29.62 -28.97
CA GLN A 198 -21.11 -29.74 -30.16
C GLN A 198 -20.07 -28.62 -30.09
N ALA A 199 -18.87 -28.87 -30.60
CA ALA A 199 -17.84 -27.83 -30.70
C ALA A 199 -18.36 -26.71 -31.59
N LYS A 200 -17.85 -25.50 -31.32
CA LYS A 200 -18.38 -24.24 -31.82
C LYS A 200 -19.90 -24.31 -31.91
N GLY A 201 -20.55 -24.94 -30.92
CA GLY A 201 -22.00 -25.02 -30.89
C GLY A 201 -22.64 -24.32 -29.69
N TYR A 202 -21.96 -23.27 -29.19
CA TYR A 202 -22.35 -22.59 -27.97
C TYR A 202 -21.47 -21.36 -27.73
N VAL A 203 -22.00 -20.48 -26.86
CA VAL A 203 -21.29 -19.32 -26.35
C VAL A 203 -20.95 -19.57 -24.89
N LEU A 204 -19.74 -19.18 -24.49
CA LEU A 204 -19.31 -19.32 -23.11
C LEU A 204 -19.27 -17.96 -22.42
N ALA A 205 -19.85 -17.92 -21.22
CA ALA A 205 -19.89 -16.70 -20.43
C ALA A 205 -19.28 -16.89 -19.03
N THR A 206 -18.51 -15.90 -18.57
CA THR A 206 -18.30 -15.73 -17.13
C THR A 206 -18.50 -14.27 -16.75
N ILE A 207 -19.01 -14.07 -15.53
CA ILE A 207 -19.33 -12.75 -15.00
C ILE A 207 -19.10 -12.77 -13.50
N HIS A 208 -18.17 -11.94 -13.00
CA HIS A 208 -18.05 -11.84 -11.54
C HIS A 208 -17.53 -10.51 -11.03
N ARG A 209 -17.27 -9.49 -11.88
CA ARG A 209 -16.75 -8.23 -11.37
C ARG A 209 -17.77 -7.64 -10.38
N ALA A 210 -17.28 -7.05 -9.28
CA ALA A 210 -18.13 -6.50 -8.22
C ALA A 210 -18.99 -5.36 -8.76
N GLU A 211 -18.38 -4.51 -9.61
CA GLU A 211 -19.13 -3.44 -10.27
C GLU A 211 -20.23 -3.98 -11.19
N ASN A 212 -20.27 -5.29 -11.41
CA ASN A 212 -21.34 -5.85 -12.23
C ASN A 212 -22.31 -6.68 -11.41
N THR A 213 -21.90 -7.22 -10.24
CA THR A 213 -22.75 -8.16 -9.51
C THR A 213 -23.39 -7.53 -8.27
N ASP A 214 -22.78 -6.47 -7.75
CA ASP A 214 -23.36 -5.76 -6.61
C ASP A 214 -24.47 -4.83 -7.09
N ASP A 215 -24.46 -4.44 -8.36
CA ASP A 215 -25.43 -3.51 -8.89
C ASP A 215 -26.53 -4.32 -9.57
N GLN A 216 -27.72 -4.25 -8.97
CA GLN A 216 -28.89 -5.01 -9.38
C GLN A 216 -29.18 -4.77 -10.86
N GLU A 217 -29.05 -3.51 -11.30
CA GLU A 217 -29.52 -3.12 -12.62
C GLU A 217 -28.53 -3.63 -13.65
N ARG A 218 -27.24 -3.58 -13.32
CA ARG A 218 -26.24 -4.16 -14.18
C ARG A 218 -26.43 -5.67 -14.21
N LEU A 219 -26.59 -6.31 -13.06
CA LEU A 219 -26.63 -7.77 -13.08
C LEU A 219 -27.84 -8.24 -13.87
N ARG A 220 -28.97 -7.53 -13.74
CA ARG A 220 -30.18 -7.87 -14.46
C ARG A 220 -30.00 -7.70 -15.97
N VAL A 221 -29.37 -6.58 -16.41
CA VAL A 221 -29.09 -6.35 -17.83
C VAL A 221 -28.33 -7.53 -18.42
N ILE A 222 -27.31 -8.01 -17.70
CA ILE A 222 -26.43 -9.08 -18.16
C ILE A 222 -27.22 -10.39 -18.21
N LEU A 223 -27.89 -10.77 -17.12
CA LEU A 223 -28.57 -12.07 -17.16
C LEU A 223 -29.72 -12.06 -18.17
N GLU A 224 -30.43 -10.93 -18.33
CA GLU A 224 -31.46 -10.83 -19.37
C GLU A 224 -30.82 -11.06 -20.75
N ALA A 225 -29.69 -10.38 -20.97
CA ALA A 225 -29.03 -10.39 -22.26
C ALA A 225 -28.52 -11.78 -22.60
N LEU A 226 -28.00 -12.52 -21.61
CA LEU A 226 -27.50 -13.86 -21.86
C LEU A 226 -28.65 -14.84 -22.14
N ALA A 227 -29.80 -14.67 -21.49
CA ALA A 227 -30.96 -15.53 -21.75
C ALA A 227 -31.52 -15.31 -23.15
N GLU A 228 -31.49 -14.08 -23.67
CA GLU A 228 -31.87 -13.83 -25.04
C GLU A 228 -30.85 -14.48 -26.00
N VAL A 229 -29.56 -14.32 -25.70
CA VAL A 229 -28.54 -14.89 -26.56
C VAL A 229 -28.77 -16.40 -26.67
N HIS A 230 -29.23 -17.02 -25.58
CA HIS A 230 -29.42 -18.46 -25.46
C HIS A 230 -30.54 -18.98 -26.37
N GLN A 231 -31.59 -18.16 -26.59
CA GLN A 231 -32.64 -18.47 -27.56
C GLN A 231 -32.07 -18.74 -28.96
N GLU A 232 -30.94 -18.12 -29.29
CA GLU A 232 -30.36 -18.07 -30.62
C GLU A 232 -29.13 -18.98 -30.69
N VAL A 233 -28.42 -19.13 -29.56
CA VAL A 233 -27.21 -19.94 -29.48
C VAL A 233 -26.95 -20.25 -28.01
N PRO A 234 -26.92 -21.54 -27.62
CA PRO A 234 -26.82 -21.91 -26.20
C PRO A 234 -25.72 -21.13 -25.50
N VAL A 235 -25.99 -20.68 -24.25
CA VAL A 235 -25.01 -20.03 -23.39
C VAL A 235 -24.61 -20.96 -22.24
N VAL A 236 -23.31 -21.21 -22.16
CA VAL A 236 -22.69 -21.95 -21.07
C VAL A 236 -22.02 -20.95 -20.13
N PHE A 237 -22.28 -21.08 -18.82
CA PHE A 237 -22.03 -20.06 -17.83
C PHE A 237 -21.66 -20.74 -16.53
N PRO A 238 -20.36 -21.02 -16.31
CA PRO A 238 -19.90 -21.49 -15.01
C PRO A 238 -19.98 -20.24 -14.15
N VAL A 239 -20.90 -20.30 -13.17
CA VAL A 239 -21.33 -19.13 -12.44
C VAL A 239 -20.43 -18.98 -11.21
N HIS A 240 -19.69 -17.88 -11.16
CA HIS A 240 -18.88 -17.57 -9.98
C HIS A 240 -19.81 -17.57 -8.78
N PRO A 241 -19.38 -18.08 -7.59
CA PRO A 241 -20.27 -18.20 -6.44
C PRO A 241 -20.83 -16.88 -5.92
N ARG A 242 -20.01 -15.81 -5.89
CA ARG A 242 -20.51 -14.50 -5.51
C ARG A 242 -21.58 -14.04 -6.51
N THR A 243 -21.35 -14.30 -7.79
CA THR A 243 -22.31 -13.93 -8.80
C THR A 243 -23.60 -14.67 -8.56
N ARG A 244 -23.52 -15.98 -8.27
CA ARG A 244 -24.68 -16.80 -7.95
C ARG A 244 -25.42 -16.19 -6.77
N LYS A 245 -24.69 -15.84 -5.70
CA LYS A 245 -25.32 -15.30 -4.50
C LYS A 245 -26.07 -14.00 -4.78
N ARG A 246 -25.47 -13.10 -5.57
CA ARG A 246 -26.03 -11.79 -5.86
C ARG A 246 -27.30 -11.91 -6.72
N ALA A 247 -27.28 -12.81 -7.71
CA ALA A 247 -28.44 -13.02 -8.56
C ALA A 247 -29.56 -13.69 -7.78
N GLU A 248 -29.22 -14.51 -6.78
CA GLU A 248 -30.26 -15.11 -5.96
C GLU A 248 -30.83 -14.03 -5.05
N ALA A 249 -29.97 -13.10 -4.61
CA ALA A 249 -30.37 -12.16 -3.59
C ALA A 249 -31.28 -11.07 -4.16
N PHE A 250 -31.06 -10.69 -5.42
CA PHE A 250 -31.89 -9.73 -6.10
C PHE A 250 -33.06 -10.40 -6.86
N GLY A 251 -33.27 -11.70 -6.65
CA GLY A 251 -34.39 -12.38 -7.29
C GLY A 251 -34.23 -12.60 -8.79
N LEU A 252 -32.97 -12.76 -9.28
CA LEU A 252 -32.66 -12.96 -10.69
C LEU A 252 -32.33 -14.44 -11.02
N GLY A 253 -32.44 -15.33 -10.04
CA GLY A 253 -32.03 -16.73 -10.15
C GLY A 253 -32.70 -17.51 -11.27
N SER A 254 -33.84 -17.03 -11.78
CA SER A 254 -34.52 -17.69 -12.91
C SER A 254 -33.75 -17.53 -14.22
N TYR A 255 -33.07 -16.40 -14.44
CA TYR A 255 -32.35 -16.18 -15.69
C TYR A 255 -31.22 -17.20 -15.84
N LEU A 256 -30.70 -17.65 -14.69
CA LEU A 256 -29.68 -18.69 -14.65
C LEU A 256 -30.27 -20.06 -15.04
N GLU A 257 -31.54 -20.33 -14.74
CA GLU A 257 -32.14 -21.60 -15.15
C GLU A 257 -32.38 -21.61 -16.66
N LYS A 258 -32.49 -20.41 -17.25
CA LYS A 258 -32.83 -20.24 -18.65
C LYS A 258 -31.59 -20.29 -19.55
N VAL A 259 -30.41 -20.53 -18.97
CA VAL A 259 -29.24 -20.87 -19.76
C VAL A 259 -28.62 -22.11 -19.13
N VAL A 260 -27.52 -22.58 -19.71
CA VAL A 260 -26.81 -23.73 -19.17
C VAL A 260 -25.84 -23.25 -18.09
N ALA A 261 -26.36 -23.10 -16.87
CA ALA A 261 -25.59 -22.58 -15.77
C ALA A 261 -24.91 -23.71 -15.02
N LEU A 262 -23.65 -23.51 -14.63
CA LEU A 262 -22.86 -24.52 -13.97
C LEU A 262 -22.26 -23.90 -12.73
N GLU A 263 -22.03 -24.72 -11.71
CA GLU A 263 -21.03 -24.41 -10.71
C GLU A 263 -19.72 -24.16 -11.43
N PRO A 264 -18.75 -23.43 -10.82
CA PRO A 264 -17.40 -23.25 -11.39
C PRO A 264 -16.64 -24.50 -11.83
N VAL A 265 -15.89 -24.42 -12.93
CA VAL A 265 -15.18 -25.59 -13.44
C VAL A 265 -13.67 -25.45 -13.24
N GLY A 266 -13.00 -26.59 -13.13
CA GLY A 266 -11.55 -26.59 -13.10
C GLY A 266 -10.97 -26.06 -14.41
N TYR A 267 -9.65 -25.87 -14.43
CA TYR A 267 -8.98 -25.25 -15.55
C TYR A 267 -9.06 -26.11 -16.81
N LEU A 268 -9.15 -27.46 -16.69
CA LEU A 268 -9.06 -28.27 -17.91
C LEU A 268 -10.40 -28.20 -18.64
N ASP A 269 -11.51 -28.37 -17.91
CA ASP A 269 -12.82 -28.11 -18.50
C ASP A 269 -12.83 -26.70 -19.11
N MET A 270 -12.26 -25.75 -18.41
CA MET A 270 -12.42 -24.37 -18.83
C MET A 270 -11.72 -24.19 -20.18
N VAL A 271 -10.51 -24.77 -20.29
CA VAL A 271 -9.73 -24.73 -21.52
C VAL A 271 -10.58 -25.28 -22.66
N MET A 272 -11.17 -26.47 -22.44
CA MET A 272 -12.01 -27.16 -23.40
C MET A 272 -13.20 -26.28 -23.78
N LEU A 273 -14.01 -25.86 -22.78
CA LEU A 273 -15.09 -24.91 -23.03
C LEU A 273 -14.63 -23.65 -23.76
N GLU A 274 -13.50 -23.06 -23.37
CA GLU A 274 -13.02 -21.86 -24.05
C GLU A 274 -12.67 -22.15 -25.51
N LYS A 275 -11.91 -23.23 -25.72
CA LYS A 275 -11.33 -23.63 -27.01
C LYS A 275 -12.44 -23.77 -28.05
N ASN A 276 -13.54 -24.44 -27.65
CA ASN A 276 -14.59 -24.92 -28.54
C ASN A 276 -15.80 -23.98 -28.56
N ALA A 277 -15.69 -22.78 -27.98
CA ALA A 277 -16.78 -21.82 -27.96
C ALA A 277 -16.83 -21.04 -29.27
N ARG A 278 -18.04 -20.72 -29.76
CA ARG A 278 -18.17 -19.83 -30.90
C ARG A 278 -17.74 -18.41 -30.50
N LEU A 279 -18.09 -18.01 -29.26
CA LEU A 279 -17.72 -16.71 -28.73
C LEU A 279 -17.79 -16.72 -27.22
N ILE A 280 -16.96 -15.87 -26.61
CA ILE A 280 -16.81 -15.77 -25.16
C ILE A 280 -17.26 -14.39 -24.70
N VAL A 281 -18.17 -14.40 -23.71
CA VAL A 281 -18.69 -13.20 -23.06
C VAL A 281 -18.11 -13.20 -21.65
N THR A 282 -17.34 -12.16 -21.29
CA THR A 282 -16.80 -12.18 -19.94
C THR A 282 -16.58 -10.79 -19.36
N ASP A 283 -16.27 -10.77 -18.04
CA ASP A 283 -15.72 -9.60 -17.39
C ASP A 283 -14.43 -9.97 -16.66
N SER A 284 -13.89 -11.17 -16.94
CA SER A 284 -12.63 -11.68 -16.42
C SER A 284 -11.41 -11.20 -17.22
N GLY A 285 -10.32 -10.86 -16.52
CA GLY A 285 -9.04 -10.61 -17.18
C GLY A 285 -8.49 -11.87 -17.85
N GLY A 286 -8.46 -12.99 -17.12
CA GLY A 286 -7.88 -14.22 -17.64
C GLY A 286 -8.63 -14.74 -18.86
N VAL A 287 -9.95 -14.75 -18.77
CA VAL A 287 -10.79 -15.34 -19.81
C VAL A 287 -10.72 -14.52 -21.09
N GLN A 288 -10.48 -13.20 -20.98
CA GLN A 288 -10.46 -12.41 -22.19
C GLN A 288 -9.14 -12.67 -22.93
N LYS A 289 -8.06 -12.98 -22.21
CA LYS A 289 -6.80 -13.25 -22.87
C LYS A 289 -6.86 -14.63 -23.50
N GLU A 290 -7.49 -15.57 -22.77
CA GLU A 290 -7.67 -16.95 -23.16
C GLU A 290 -8.52 -17.01 -24.43
N ALA A 291 -9.53 -16.15 -24.56
CA ALA A 291 -10.33 -16.12 -25.79
C ALA A 291 -9.39 -15.89 -26.96
N TYR A 292 -8.47 -14.92 -26.79
CA TYR A 292 -7.53 -14.56 -27.82
C TYR A 292 -6.56 -15.71 -28.12
N PHE A 293 -6.13 -16.44 -27.07
CA PHE A 293 -5.25 -17.58 -27.28
C PHE A 293 -5.83 -18.51 -28.34
N TYR A 294 -7.14 -18.79 -28.24
CA TYR A 294 -7.85 -19.76 -29.09
C TYR A 294 -8.52 -19.07 -30.27
N ARG A 295 -8.21 -17.80 -30.50
CA ARG A 295 -8.79 -17.08 -31.61
C ARG A 295 -10.31 -17.23 -31.62
N VAL A 296 -10.92 -17.18 -30.42
CA VAL A 296 -12.37 -17.08 -30.27
C VAL A 296 -12.72 -15.63 -30.00
N PRO A 297 -13.67 -15.03 -30.75
CA PRO A 297 -14.03 -13.62 -30.57
C PRO A 297 -14.60 -13.43 -29.16
N CYS A 298 -14.30 -12.26 -28.58
CA CYS A 298 -14.63 -12.00 -27.19
C CYS A 298 -15.40 -10.69 -27.04
N VAL A 299 -16.30 -10.68 -26.06
CA VAL A 299 -16.97 -9.45 -25.64
C VAL A 299 -16.71 -9.24 -24.15
N THR A 300 -16.14 -8.08 -23.81
CA THR A 300 -15.86 -7.75 -22.42
C THR A 300 -16.97 -6.84 -21.88
N VAL A 301 -17.73 -7.34 -20.89
CA VAL A 301 -18.89 -6.63 -20.36
C VAL A 301 -18.42 -5.65 -19.29
N ARG A 302 -17.67 -4.63 -19.71
CA ARG A 302 -17.18 -3.61 -18.81
C ARG A 302 -17.05 -2.33 -19.61
N GLU A 303 -16.79 -1.24 -18.90
CA GLU A 303 -16.59 0.06 -19.53
C GLU A 303 -15.15 0.24 -20.00
N GLU A 304 -14.27 -0.61 -19.51
CA GLU A 304 -12.88 -0.61 -19.93
C GLU A 304 -12.27 -1.99 -19.64
N THR A 305 -11.07 -2.21 -20.18
CA THR A 305 -10.24 -3.36 -19.88
C THR A 305 -8.80 -2.89 -19.70
N GLU A 306 -8.05 -3.69 -18.94
CA GLU A 306 -6.63 -3.47 -18.73
C GLU A 306 -5.86 -4.04 -19.90
N TRP A 307 -6.49 -4.91 -20.71
CA TRP A 307 -5.85 -5.62 -21.80
C TRP A 307 -6.11 -4.95 -23.15
N VAL A 308 -5.64 -3.69 -23.32
CA VAL A 308 -6.08 -2.82 -24.40
C VAL A 308 -5.64 -3.35 -25.77
N GLU A 309 -4.61 -4.17 -25.80
CA GLU A 309 -4.11 -4.76 -27.04
C GLU A 309 -5.17 -5.64 -27.69
N LEU A 310 -6.03 -6.31 -26.90
CA LEU A 310 -7.04 -7.17 -27.47
C LEU A 310 -8.09 -6.33 -28.22
N LEU A 311 -8.30 -5.09 -27.79
CA LEU A 311 -9.26 -4.21 -28.45
C LEU A 311 -8.66 -3.71 -29.77
N LYS A 312 -7.38 -3.29 -29.71
CA LYS A 312 -6.69 -2.75 -30.87
C LYS A 312 -6.66 -3.81 -31.96
N ALA A 313 -6.41 -5.08 -31.57
CA ALA A 313 -6.33 -6.21 -32.46
C ALA A 313 -7.69 -6.73 -32.93
N GLU A 314 -8.80 -6.31 -32.32
CA GLU A 314 -10.15 -6.58 -32.77
C GLU A 314 -10.57 -8.01 -32.41
N TRP A 315 -9.90 -8.61 -31.43
CA TRP A 315 -10.30 -9.92 -30.92
C TRP A 315 -11.32 -9.76 -29.80
N ASN A 316 -11.44 -8.52 -29.28
CA ASN A 316 -12.19 -8.23 -28.06
C ASN A 316 -12.92 -6.91 -28.27
N TYR A 317 -14.08 -6.82 -27.62
CA TYR A 317 -15.02 -5.72 -27.78
C TYR A 317 -15.71 -5.42 -26.44
N LEU A 318 -15.71 -4.12 -26.08
CA LEU A 318 -16.40 -3.56 -24.91
C LEU A 318 -17.90 -3.40 -25.16
N ALA A 319 -18.71 -3.97 -24.27
CA ALA A 319 -20.14 -3.73 -24.19
C ALA A 319 -20.53 -3.57 -22.73
N ALA A 320 -20.52 -2.30 -22.29
CA ALA A 320 -21.04 -1.91 -20.98
C ALA A 320 -22.46 -2.40 -20.85
N PRO A 321 -22.90 -2.90 -19.67
CA PRO A 321 -24.27 -3.39 -19.52
C PRO A 321 -25.32 -2.34 -19.13
N GLN A 322 -25.75 -1.54 -20.11
CA GLN A 322 -26.80 -0.54 -19.91
C GLN A 322 -28.17 -1.04 -20.34
N ASN A 323 -28.20 -1.96 -21.31
CA ASN A 323 -29.45 -2.31 -21.95
C ASN A 323 -29.42 -3.77 -22.42
N ALA A 324 -30.38 -4.56 -21.94
CA ALA A 324 -30.34 -6.01 -22.11
C ALA A 324 -30.31 -6.34 -23.60
N LYS A 325 -31.15 -5.64 -24.36
CA LYS A 325 -31.36 -6.01 -25.75
C LYS A 325 -30.16 -5.56 -26.56
N ASP A 326 -29.63 -4.38 -26.25
CA ASP A 326 -28.41 -3.86 -26.88
C ASP A 326 -27.24 -4.81 -26.64
N LEU A 327 -27.15 -5.35 -25.42
CA LEU A 327 -25.99 -6.16 -25.07
C LEU A 327 -26.13 -7.49 -25.80
N ALA A 328 -27.36 -8.04 -25.86
CA ALA A 328 -27.66 -9.23 -26.64
C ALA A 328 -27.19 -9.08 -28.10
N LEU A 329 -27.62 -8.01 -28.77
CA LEU A 329 -27.31 -7.86 -30.19
C LEU A 329 -25.82 -7.69 -30.39
N THR A 330 -25.16 -6.97 -29.47
CA THR A 330 -23.72 -6.79 -29.54
C THR A 330 -23.02 -8.15 -29.47
N ILE A 331 -23.48 -9.00 -28.56
CA ILE A 331 -22.92 -10.32 -28.41
C ILE A 331 -23.12 -11.10 -29.72
N LEU A 332 -24.36 -11.09 -30.22
CA LEU A 332 -24.68 -11.93 -31.36
C LEU A 332 -23.99 -11.39 -32.62
N HIS A 333 -23.90 -10.08 -32.76
CA HIS A 333 -23.15 -9.47 -33.86
C HIS A 333 -21.67 -9.88 -33.80
N ARG A 334 -21.03 -9.85 -32.64
CA ARG A 334 -19.60 -10.08 -32.56
C ARG A 334 -19.20 -11.52 -32.83
N MET A 335 -20.14 -12.48 -32.76
CA MET A 335 -19.75 -13.88 -32.88
C MET A 335 -19.39 -14.24 -34.31
N ARG A 336 -19.84 -13.50 -35.31
CA ARG A 336 -19.26 -13.73 -36.62
C ARG A 336 -18.30 -12.59 -36.97
N THR A 337 -17.35 -12.31 -36.07
CA THR A 337 -16.21 -11.46 -36.36
C THR A 337 -14.94 -12.21 -35.96
N LYS A 338 -13.80 -11.61 -36.30
CA LYS A 338 -12.51 -12.08 -35.85
C LYS A 338 -11.57 -10.88 -35.79
N GLY A 339 -10.39 -11.08 -35.20
CA GLY A 339 -9.36 -10.07 -35.04
C GLY A 339 -8.20 -10.35 -35.98
N VAL A 340 -7.15 -9.51 -35.93
CA VAL A 340 -6.02 -9.60 -36.85
C VAL A 340 -5.00 -10.64 -36.36
N GLU A 341 -4.06 -11.00 -37.25
CA GLU A 341 -3.05 -12.01 -36.95
C GLU A 341 -1.97 -11.29 -36.15
N ILE A 342 -1.72 -11.74 -34.91
CA ILE A 342 -0.75 -11.03 -34.08
C ILE A 342 -0.40 -11.91 -32.89
N ASP A 343 0.83 -11.73 -32.42
CA ASP A 343 1.40 -12.50 -31.32
C ASP A 343 1.61 -11.56 -30.12
N LEU A 344 0.80 -11.80 -29.08
CA LEU A 344 0.89 -11.06 -27.84
C LEU A 344 1.39 -12.01 -26.74
N TYR A 345 1.71 -11.45 -25.59
CA TYR A 345 1.86 -12.23 -24.37
C TYR A 345 3.08 -13.16 -24.43
N GLY A 346 3.92 -13.06 -25.48
CA GLY A 346 5.23 -13.70 -25.47
C GLY A 346 5.23 -15.08 -26.10
N ASP A 347 6.24 -15.88 -25.75
CA ASP A 347 6.60 -17.09 -26.49
C ASP A 347 6.18 -18.33 -25.71
N GLY A 348 5.45 -18.10 -24.62
CA GLY A 348 5.04 -19.18 -23.75
C GLY A 348 6.09 -19.52 -22.70
N ARG A 349 7.13 -18.66 -22.63
CA ARG A 349 8.26 -18.86 -21.73
C ARG A 349 8.46 -17.62 -20.84
N ALA A 350 7.36 -17.01 -20.39
CA ALA A 350 7.43 -15.92 -19.43
C ALA A 350 7.97 -16.42 -18.09
N SER A 351 7.52 -17.61 -17.66
CA SER A 351 7.91 -18.15 -16.37
C SER A 351 9.42 -18.38 -16.27
N GLN A 352 9.98 -18.94 -17.35
CA GLN A 352 11.41 -19.23 -17.40
C GLN A 352 12.22 -17.92 -17.40
N LYS A 353 11.78 -16.87 -18.14
CA LYS A 353 12.45 -15.55 -18.10
C LYS A 353 12.41 -14.94 -16.69
N ILE A 354 11.29 -15.15 -15.97
CA ILE A 354 11.13 -14.76 -14.57
C ILE A 354 12.14 -15.52 -13.70
N SER A 355 12.09 -16.86 -13.68
CA SER A 355 13.12 -17.66 -13.02
C SER A 355 14.54 -17.12 -13.28
N ASP A 356 14.89 -16.83 -14.55
CA ASP A 356 16.21 -16.33 -14.89
C ASP A 356 16.50 -14.98 -14.23
N PHE A 357 15.63 -13.98 -14.41
CA PHE A 357 15.86 -12.65 -13.85
C PHE A 357 15.97 -12.67 -12.32
N LEU A 358 15.49 -13.75 -11.65
CA LEU A 358 15.52 -13.85 -10.21
C LEU A 358 16.82 -14.46 -9.66
N ARG A 359 17.58 -15.22 -10.46
CA ARG A 359 18.84 -15.80 -10.00
C ARG A 359 19.99 -14.83 -10.25
N LYS A 360 19.86 -13.97 -11.28
CA LYS A 360 20.78 -12.86 -11.48
C LYS A 360 20.57 -11.84 -10.35
N VAL A 361 19.55 -10.98 -10.46
CA VAL A 361 19.19 -10.04 -9.42
C VAL A 361 18.55 -10.83 -8.27
N TRP B 2 -23.04 18.90 8.76
CA TRP B 2 -22.91 19.33 7.35
C TRP B 2 -21.84 18.51 6.63
N VAL B 3 -20.73 18.15 7.31
CA VAL B 3 -19.74 17.22 6.77
C VAL B 3 -18.87 16.67 7.88
N LYS B 4 -18.60 15.36 7.84
CA LYS B 4 -17.88 14.68 8.90
C LYS B 4 -16.48 14.27 8.42
N ILE B 5 -15.45 14.76 9.14
CA ILE B 5 -14.05 14.53 8.83
C ILE B 5 -13.45 13.69 9.96
N LEU B 6 -12.95 12.49 9.64
CA LEU B 6 -12.40 11.61 10.66
C LEU B 6 -10.86 11.52 10.54
N SER B 7 -10.18 11.68 11.67
CA SER B 7 -8.73 11.72 11.71
C SER B 7 -8.23 10.43 12.34
N VAL B 8 -7.18 9.87 11.73
CA VAL B 8 -6.47 8.74 12.31
C VAL B 8 -5.10 9.24 12.76
N VAL B 9 -4.89 9.26 14.08
CA VAL B 9 -3.61 9.56 14.68
C VAL B 9 -3.23 8.37 15.54
N GLY B 10 -1.95 8.31 15.85
CA GLY B 10 -1.35 7.14 16.46
C GLY B 10 -0.14 7.50 17.31
N ALA B 11 0.67 8.45 16.85
CA ALA B 11 1.93 8.71 17.54
C ALA B 11 2.16 10.22 17.71
N ARG B 12 3.11 10.55 18.59
CA ARG B 12 3.40 11.89 19.07
C ARG B 12 3.37 12.92 17.94
N PRO B 13 4.13 12.77 16.83
CA PRO B 13 4.13 13.79 15.77
C PRO B 13 2.78 13.97 15.08
N GLN B 14 1.96 12.91 15.11
CA GLN B 14 0.62 12.93 14.56
C GLN B 14 -0.32 13.77 15.45
N PHE B 15 -0.11 13.75 16.77
CA PHE B 15 -0.95 14.51 17.68
C PHE B 15 -0.66 16.01 17.54
N ILE B 16 0.60 16.34 17.25
CA ILE B 16 1.01 17.73 17.15
C ILE B 16 0.49 18.31 15.84
N LYS B 17 0.47 17.50 14.77
CA LYS B 17 -0.05 17.96 13.48
C LYS B 17 -1.57 18.08 13.57
N ALA B 18 -2.22 17.04 14.11
CA ALA B 18 -3.66 17.01 14.30
C ALA B 18 -4.15 18.17 15.16
N ALA B 19 -3.38 18.55 16.18
CA ALA B 19 -3.72 19.69 17.02
C ALA B 19 -3.98 20.92 16.16
N ALA B 20 -2.99 21.32 15.34
CA ALA B 20 -3.06 22.50 14.49
C ALA B 20 -4.27 22.41 13.57
N VAL B 21 -4.49 21.25 12.94
CA VAL B 21 -5.55 21.14 11.95
C VAL B 21 -6.91 21.18 12.66
N SER B 22 -7.08 20.39 13.73
CA SER B 22 -8.34 20.33 14.46
C SER B 22 -8.76 21.68 15.02
N ARG B 23 -7.81 22.56 15.36
CA ARG B 23 -8.15 23.91 15.81
C ARG B 23 -8.90 24.68 14.71
N VAL B 24 -8.44 24.56 13.46
CA VAL B 24 -9.12 25.19 12.33
C VAL B 24 -10.46 24.51 12.06
N LEU B 25 -10.55 23.17 12.14
CA LEU B 25 -11.78 22.46 11.80
C LEU B 25 -12.90 22.72 12.81
N ARG B 26 -12.57 23.06 14.05
CA ARG B 26 -13.59 23.29 15.07
C ARG B 26 -14.29 24.63 14.80
N ALA B 27 -13.55 25.58 14.23
CA ALA B 27 -14.05 26.85 13.75
C ALA B 27 -14.92 26.73 12.50
N SER B 28 -14.82 25.63 11.76
CA SER B 28 -15.43 25.56 10.45
C SER B 28 -16.90 25.23 10.63
N PRO B 29 -17.80 25.95 9.90
CA PRO B 29 -19.24 25.84 10.13
C PRO B 29 -19.76 24.47 9.70
N GLY B 30 -20.25 23.70 10.68
CA GLY B 30 -20.98 22.46 10.43
C GLY B 30 -20.09 21.22 10.38
N VAL B 31 -18.76 21.42 10.29
CA VAL B 31 -17.79 20.33 10.28
C VAL B 31 -17.80 19.61 11.61
N ARG B 32 -18.23 18.35 11.61
CA ARG B 32 -18.01 17.45 12.73
C ARG B 32 -16.66 16.73 12.51
N GLU B 33 -15.82 16.66 13.55
CA GLU B 33 -14.62 15.85 13.57
C GLU B 33 -14.91 14.59 14.39
N VAL B 34 -14.44 13.44 13.90
CA VAL B 34 -14.23 12.29 14.76
C VAL B 34 -12.72 12.01 14.76
N LEU B 35 -12.19 11.66 15.94
CA LEU B 35 -10.77 11.44 16.11
C LEU B 35 -10.54 10.01 16.57
N VAL B 36 -9.74 9.25 15.78
CA VAL B 36 -9.40 7.89 16.14
C VAL B 36 -7.93 7.86 16.55
N HIS B 37 -7.70 7.43 17.79
CA HIS B 37 -6.36 7.19 18.31
C HIS B 37 -6.11 5.69 18.21
N THR B 38 -5.07 5.31 17.46
CA THR B 38 -4.85 3.92 17.10
C THR B 38 -4.31 3.14 18.30
N GLY B 39 -3.71 3.86 19.25
CA GLY B 39 -3.13 3.26 20.45
C GLY B 39 -1.62 3.13 20.33
N GLN B 40 -1.07 3.54 19.18
CA GLN B 40 0.31 3.28 18.80
C GLN B 40 1.27 3.84 19.85
N HIS B 41 1.07 5.10 20.27
CA HIS B 41 1.70 5.63 21.47
C HIS B 41 0.67 5.71 22.58
N TYR B 42 1.07 5.27 23.79
CA TYR B 42 0.17 5.01 24.91
C TYR B 42 0.75 5.49 26.24
N ASP B 43 2.09 5.51 26.38
CA ASP B 43 2.74 6.21 27.48
C ASP B 43 2.16 7.62 27.56
N ASP B 44 2.07 8.16 28.77
CA ASP B 44 1.37 9.42 29.01
C ASP B 44 2.20 10.61 28.54
N ASN B 45 3.54 10.44 28.54
CA ASN B 45 4.45 11.47 28.09
C ASN B 45 4.71 11.29 26.59
N MET B 46 4.00 10.31 25.98
CA MET B 46 4.01 10.13 24.53
C MET B 46 2.65 10.48 23.90
N SER B 47 1.56 10.49 24.68
CA SER B 47 0.23 10.66 24.12
C SER B 47 -0.59 11.67 24.92
N GLN B 48 -1.05 11.26 26.10
CA GLN B 48 -1.89 12.06 26.98
C GLN B 48 -1.40 13.50 27.12
N VAL B 49 -0.09 13.70 27.28
CA VAL B 49 0.45 15.03 27.56
C VAL B 49 0.17 16.00 26.41
N PHE B 50 0.24 15.49 25.17
CA PHE B 50 0.00 16.27 23.96
C PHE B 50 -1.45 16.73 23.91
N PHE B 51 -2.39 15.80 24.11
CA PHE B 51 -3.81 16.09 24.17
C PHE B 51 -4.08 17.23 25.14
N GLU B 52 -3.45 17.21 26.33
CA GLU B 52 -3.67 18.23 27.37
C GLU B 52 -3.04 19.56 26.96
N GLU B 53 -1.73 19.58 26.73
CA GLU B 53 -1.04 20.86 26.54
C GLU B 53 -1.45 21.54 25.23
N LEU B 54 -1.99 20.76 24.29
CA LEU B 54 -2.24 21.26 22.94
C LEU B 54 -3.73 21.41 22.69
N GLU B 55 -4.57 21.09 23.70
CA GLU B 55 -5.95 21.57 23.75
C GLU B 55 -6.78 20.75 22.76
N ILE B 56 -6.46 19.44 22.70
CA ILE B 56 -7.08 18.52 21.75
C ILE B 56 -8.18 17.73 22.43
N PRO B 57 -9.44 17.74 21.95
CA PRO B 57 -10.49 16.94 22.57
C PRO B 57 -10.16 15.45 22.63
N ASP B 58 -10.64 14.81 23.69
CA ASP B 58 -10.42 13.39 23.88
C ASP B 58 -10.82 12.67 22.60
N PRO B 59 -9.97 11.70 22.15
CA PRO B 59 -10.30 10.86 21.01
C PRO B 59 -11.67 10.21 21.11
N ASP B 60 -12.40 10.16 19.99
CA ASP B 60 -13.71 9.54 20.00
C ASP B 60 -13.54 8.03 20.17
N TYR B 61 -12.35 7.50 19.78
CA TYR B 61 -12.07 6.07 19.85
C TYR B 61 -10.60 5.79 20.18
N HIS B 62 -10.36 4.83 21.09
CA HIS B 62 -9.05 4.32 21.45
C HIS B 62 -9.02 2.83 21.14
N LEU B 63 -8.20 2.44 20.15
CA LEU B 63 -8.20 1.09 19.63
C LEU B 63 -7.21 0.26 20.44
N GLY B 64 -6.25 0.95 21.07
CA GLY B 64 -5.31 0.33 21.99
C GLY B 64 -4.40 -0.70 21.33
N ILE B 65 -4.03 -0.48 20.07
CA ILE B 65 -3.12 -1.34 19.34
C ILE B 65 -1.75 -0.70 19.35
N GLY B 66 -0.72 -1.51 19.62
CA GLY B 66 0.64 -1.02 19.78
C GLY B 66 1.60 -2.11 20.23
N GLY B 67 2.91 -1.87 20.05
CA GLY B 67 3.98 -2.64 20.67
C GLY B 67 4.39 -3.86 19.86
N GLY B 68 3.64 -4.14 18.79
CA GLY B 68 3.82 -5.34 17.99
C GLY B 68 4.75 -5.12 16.80
N THR B 69 4.76 -6.10 15.91
CA THR B 69 5.49 -5.98 14.65
C THR B 69 4.73 -5.05 13.70
N HIS B 70 5.36 -4.76 12.55
CA HIS B 70 4.69 -4.07 11.45
C HIS B 70 3.41 -4.80 11.09
N GLY B 71 3.56 -6.11 10.86
CA GLY B 71 2.46 -6.98 10.48
C GLY B 71 1.30 -6.88 11.45
N GLN B 72 1.63 -6.99 12.74
CA GLN B 72 0.65 -7.10 13.80
C GLN B 72 -0.09 -5.78 13.95
N ASN B 73 0.66 -4.70 14.14
CA ASN B 73 0.09 -3.39 14.32
C ASN B 73 -0.71 -3.00 13.09
N THR B 74 -0.07 -3.03 11.91
CA THR B 74 -0.68 -2.51 10.71
C THR B 74 -1.95 -3.32 10.47
N GLY B 75 -1.83 -4.64 10.57
CA GLY B 75 -2.94 -5.53 10.30
C GLY B 75 -4.10 -5.26 11.26
N ARG B 76 -3.79 -5.21 12.55
CA ARG B 76 -4.86 -5.09 13.52
C ARG B 76 -5.51 -3.72 13.38
N MET B 77 -4.68 -2.68 13.15
CA MET B 77 -5.17 -1.32 12.95
C MET B 77 -6.10 -1.27 11.73
N LEU B 78 -5.70 -1.93 10.65
CA LEU B 78 -6.46 -1.94 9.42
C LEU B 78 -7.86 -2.41 9.72
N GLU B 79 -7.97 -3.60 10.34
CA GLU B 79 -9.27 -4.16 10.66
C GLU B 79 -10.04 -3.23 11.61
N ALA B 80 -9.35 -2.73 12.62
CA ALA B 80 -10.03 -1.94 13.61
C ALA B 80 -10.53 -0.63 13.01
N ILE B 81 -9.65 0.21 12.41
CA ILE B 81 -10.10 1.46 11.78
C ILE B 81 -11.28 1.20 10.82
N GLU B 82 -11.24 0.10 10.04
CA GLU B 82 -12.35 -0.23 9.14
C GLU B 82 -13.66 -0.36 9.92
N GLY B 83 -13.58 -0.97 11.11
CA GLY B 83 -14.70 -1.07 12.04
C GLY B 83 -15.31 0.29 12.39
N VAL B 84 -14.46 1.25 12.77
CA VAL B 84 -14.90 2.58 13.12
C VAL B 84 -15.53 3.25 11.92
N LEU B 85 -14.89 3.09 10.74
CA LEU B 85 -15.24 3.85 9.56
C LEU B 85 -16.59 3.42 9.01
N LEU B 86 -16.95 2.16 9.29
CA LEU B 86 -18.24 1.65 8.87
C LEU B 86 -19.31 2.19 9.82
N LYS B 87 -18.92 2.44 11.08
CA LYS B 87 -19.79 3.03 12.09
C LYS B 87 -20.01 4.51 11.79
N GLU B 88 -18.91 5.24 11.57
CA GLU B 88 -18.95 6.68 11.44
C GLU B 88 -19.27 7.15 10.00
N LYS B 89 -19.17 6.27 9.01
CA LYS B 89 -19.29 6.66 7.61
C LYS B 89 -18.83 8.11 7.43
N PRO B 90 -17.59 8.51 7.76
CA PRO B 90 -17.16 9.89 7.50
C PRO B 90 -17.18 10.21 6.01
N ASP B 91 -17.08 11.50 5.72
CA ASP B 91 -17.02 12.01 4.37
C ASP B 91 -15.56 12.09 3.91
N TRP B 92 -14.66 12.37 4.87
CA TRP B 92 -13.22 12.44 4.66
C TRP B 92 -12.54 11.66 5.77
N VAL B 93 -11.45 10.97 5.42
CA VAL B 93 -10.47 10.50 6.38
C VAL B 93 -9.18 11.29 6.15
N LEU B 94 -8.62 11.80 7.25
CA LEU B 94 -7.37 12.52 7.26
C LEU B 94 -6.34 11.62 7.90
N VAL B 95 -5.19 11.48 7.25
CA VAL B 95 -4.08 10.72 7.77
C VAL B 95 -2.84 11.59 7.62
N TYR B 96 -1.91 11.40 8.56
CA TYR B 96 -0.86 12.36 8.81
C TYR B 96 0.46 11.59 8.75
N GLY B 97 1.48 12.22 8.17
CA GLY B 97 2.81 11.66 8.28
C GLY B 97 2.92 10.28 7.67
N ASN B 98 3.61 9.35 8.35
CA ASN B 98 3.97 8.11 7.69
C ASN B 98 4.27 6.99 8.68
N THR B 99 3.46 6.87 9.71
CA THR B 99 3.56 5.71 10.58
C THR B 99 2.67 4.61 10.02
N ASP B 100 2.80 3.41 10.58
CA ASP B 100 1.95 2.28 10.26
C ASP B 100 0.47 2.65 10.45
N SER B 101 0.17 3.60 11.33
CA SER B 101 -1.18 4.06 11.58
C SER B 101 -1.72 4.84 10.37
N THR B 102 -0.88 5.75 9.84
CA THR B 102 -1.18 6.43 8.60
C THR B 102 -1.63 5.44 7.54
N LEU B 103 -0.89 4.34 7.40
CA LEU B 103 -1.11 3.47 6.26
C LEU B 103 -2.36 2.61 6.48
N ALA B 104 -2.55 2.12 7.71
CA ALA B 104 -3.75 1.35 8.03
C ALA B 104 -4.96 2.26 7.81
N GLY B 105 -4.80 3.56 8.12
CA GLY B 105 -5.85 4.54 7.92
C GLY B 105 -6.29 4.63 6.46
N ALA B 106 -5.29 4.86 5.58
CA ALA B 106 -5.55 5.07 4.17
C ALA B 106 -6.15 3.81 3.57
N LEU B 107 -5.61 2.65 3.93
CA LEU B 107 -6.06 1.39 3.37
C LEU B 107 -7.46 0.98 3.80
N ALA B 108 -7.81 1.29 5.03
CA ALA B 108 -9.16 1.05 5.53
C ALA B 108 -10.15 1.91 4.75
N ALA B 109 -9.80 3.19 4.64
CA ALA B 109 -10.63 4.20 4.02
C ALA B 109 -10.88 3.90 2.53
N VAL B 110 -9.79 3.67 1.78
CA VAL B 110 -9.84 3.62 0.33
C VAL B 110 -10.64 2.41 -0.16
N LYS B 111 -10.58 1.25 0.52
CA LYS B 111 -11.38 0.09 0.11
C LYS B 111 -12.85 0.29 0.44
N LEU B 112 -13.16 1.33 1.23
CA LEU B 112 -14.54 1.67 1.53
C LEU B 112 -15.01 2.86 0.71
N HIS B 113 -14.23 3.27 -0.29
CA HIS B 113 -14.64 4.33 -1.19
C HIS B 113 -14.69 5.66 -0.45
N ILE B 114 -13.96 5.79 0.66
CA ILE B 114 -13.98 7.02 1.44
C ILE B 114 -12.78 7.87 1.03
N PRO B 115 -12.99 9.13 0.61
CA PRO B 115 -11.87 10.01 0.22
C PRO B 115 -10.85 10.14 1.35
N VAL B 116 -9.57 9.98 1.00
CA VAL B 116 -8.47 10.11 1.94
C VAL B 116 -7.61 11.31 1.58
N ALA B 117 -7.37 12.17 2.56
CA ALA B 117 -6.46 13.29 2.39
C ALA B 117 -5.21 13.04 3.24
N HIS B 118 -4.03 13.16 2.63
CA HIS B 118 -2.78 12.98 3.36
C HIS B 118 -2.17 14.35 3.69
N VAL B 119 -2.14 14.68 5.00
CA VAL B 119 -1.37 15.77 5.56
C VAL B 119 0.10 15.40 5.72
N GLU B 120 0.96 16.22 5.10
CA GLU B 120 2.39 15.93 4.93
C GLU B 120 2.58 14.79 3.92
N ALA B 121 2.36 15.14 2.66
CA ALA B 121 2.39 14.24 1.50
C ALA B 121 3.61 14.50 0.62
N GLY B 122 4.08 13.45 -0.06
CA GLY B 122 5.08 13.56 -1.10
C GLY B 122 6.54 13.56 -0.63
N LEU B 123 6.82 13.39 0.68
CA LEU B 123 8.19 13.39 1.20
C LEU B 123 8.83 12.07 0.81
N ARG B 124 10.12 12.09 0.42
CA ARG B 124 10.80 10.87 0.02
C ARG B 124 12.21 10.81 0.59
N SER B 125 12.55 9.72 1.27
CA SER B 125 13.94 9.46 1.69
C SER B 125 14.72 8.79 0.56
N PHE B 126 14.03 8.04 -0.32
CA PHE B 126 14.63 7.21 -1.37
C PHE B 126 15.36 6.04 -0.70
N ASN B 127 14.90 5.69 0.49
CA ASN B 127 15.46 4.56 1.20
C ASN B 127 14.30 3.64 1.53
N ARG B 128 14.16 2.54 0.79
CA ARG B 128 12.99 1.70 1.00
C ARG B 128 13.18 0.74 2.17
N ARG B 129 14.36 0.73 2.80
CA ARG B 129 14.58 -0.12 3.95
C ARG B 129 13.87 0.49 5.16
N MET B 130 13.67 1.82 5.13
CA MET B 130 12.85 2.49 6.12
C MET B 130 11.40 2.04 6.01
N PRO B 131 10.77 1.54 7.10
CA PRO B 131 9.32 1.37 7.11
C PRO B 131 8.59 2.66 6.70
N GLU B 132 9.15 3.83 7.04
CA GLU B 132 8.39 5.06 6.84
C GLU B 132 8.36 5.49 5.35
N GLU B 133 9.32 5.04 4.51
CA GLU B 133 9.32 5.36 3.09
C GLU B 133 8.21 4.63 2.34
N ILE B 134 8.09 3.33 2.61
CA ILE B 134 6.96 2.52 2.21
C ILE B 134 5.66 3.22 2.60
N ASN B 135 5.55 3.54 3.90
CA ASN B 135 4.36 4.18 4.43
C ASN B 135 3.91 5.39 3.62
N ARG B 136 4.80 6.34 3.31
CA ARG B 136 4.31 7.54 2.64
C ARG B 136 4.09 7.29 1.15
N ILE B 137 4.93 6.43 0.53
CA ILE B 137 4.68 6.08 -0.85
C ILE B 137 3.29 5.47 -0.99
N LEU B 138 2.97 4.40 -0.25
CA LEU B 138 1.67 3.76 -0.41
C LEU B 138 0.53 4.70 0.02
N THR B 139 0.76 5.58 1.00
CA THR B 139 -0.33 6.43 1.48
C THR B 139 -0.65 7.43 0.40
N ASP B 140 0.39 8.09 -0.14
CA ASP B 140 0.21 9.05 -1.21
C ASP B 140 -0.53 8.44 -2.41
N HIS B 141 -0.17 7.20 -2.77
CA HIS B 141 -0.86 6.55 -3.89
C HIS B 141 -2.28 6.15 -3.50
N ALA B 142 -2.60 6.13 -2.21
CA ALA B 142 -3.93 5.72 -1.79
C ALA B 142 -4.84 6.92 -1.53
N SER B 143 -4.31 8.13 -1.68
CA SER B 143 -5.00 9.33 -1.25
C SER B 143 -5.67 10.02 -2.43
N ASP B 144 -6.69 10.82 -2.13
CA ASP B 144 -7.39 11.58 -3.14
C ASP B 144 -6.92 13.04 -3.05
N LEU B 145 -6.50 13.49 -1.86
CA LEU B 145 -5.91 14.81 -1.71
C LEU B 145 -4.54 14.65 -1.10
N LEU B 146 -3.60 15.50 -1.54
CA LEU B 146 -2.24 15.41 -1.05
C LEU B 146 -1.73 16.78 -0.68
N PHE B 147 -1.63 17.00 0.65
CA PHE B 147 -1.18 18.27 1.18
C PHE B 147 0.33 18.22 1.38
N ALA B 148 1.03 18.76 0.40
CA ALA B 148 2.46 18.68 0.33
C ALA B 148 3.00 19.89 1.06
N PRO B 149 4.08 19.75 1.85
CA PRO B 149 4.63 20.89 2.58
C PRO B 149 5.73 21.69 1.91
N THR B 150 6.26 21.18 0.80
CA THR B 150 7.45 21.74 0.17
C THR B 150 7.34 21.51 -1.32
N GLU B 151 8.14 22.25 -2.10
CA GLU B 151 8.10 22.19 -3.54
C GLU B 151 8.76 20.87 -3.96
N THR B 152 9.73 20.39 -3.18
CA THR B 152 10.30 19.08 -3.44
C THR B 152 9.22 18.02 -3.45
N ALA B 153 8.37 18.03 -2.42
CA ALA B 153 7.39 16.97 -2.25
C ALA B 153 6.35 17.01 -3.37
N VAL B 154 6.03 18.21 -3.89
CA VAL B 154 5.17 18.33 -5.05
C VAL B 154 5.83 17.61 -6.22
N GLN B 155 7.10 17.98 -6.48
CA GLN B 155 7.87 17.36 -7.54
C GLN B 155 7.93 15.84 -7.33
N ASN B 156 8.19 15.36 -6.12
CA ASN B 156 8.22 13.93 -5.84
C ASN B 156 6.92 13.23 -6.29
N LEU B 157 5.77 13.85 -6.00
CA LEU B 157 4.48 13.28 -6.35
C LEU B 157 4.26 13.31 -7.87
N LEU B 158 4.63 14.41 -8.53
CA LEU B 158 4.41 14.53 -9.97
C LEU B 158 5.15 13.44 -10.72
N ARG B 159 6.37 13.14 -10.24
CA ARG B 159 7.22 12.17 -10.87
C ARG B 159 6.65 10.76 -10.67
N GLU B 160 5.78 10.53 -9.69
CA GLU B 160 5.23 9.18 -9.52
C GLU B 160 3.84 9.09 -10.15
N GLY B 161 3.50 10.07 -11.00
CA GLY B 161 2.38 9.95 -11.91
C GLY B 161 1.10 10.50 -11.30
N ILE B 162 1.20 11.15 -10.14
CA ILE B 162 0.01 11.70 -9.51
C ILE B 162 -0.29 13.08 -10.08
N PRO B 163 -1.56 13.34 -10.47
CA PRO B 163 -1.90 14.53 -11.24
C PRO B 163 -1.84 15.75 -10.37
N GLU B 164 -1.68 16.90 -11.03
CA GLU B 164 -1.55 18.18 -10.37
C GLU B 164 -2.82 18.55 -9.60
N ASN B 165 -3.97 18.06 -10.09
CA ASN B 165 -5.25 18.49 -9.57
C ASN B 165 -5.52 17.88 -8.19
N ARG B 166 -4.73 16.90 -7.74
CA ARG B 166 -4.93 16.28 -6.43
C ARG B 166 -3.82 16.67 -5.45
N ILE B 167 -2.92 17.56 -5.90
CA ILE B 167 -1.76 17.98 -5.13
C ILE B 167 -1.89 19.46 -4.82
N HIS B 168 -1.78 19.80 -3.53
CA HIS B 168 -1.79 21.19 -3.11
C HIS B 168 -0.58 21.48 -2.21
N LEU B 169 0.16 22.54 -2.50
CA LEU B 169 1.27 22.96 -1.66
C LEU B 169 0.72 23.93 -0.62
N VAL B 170 0.70 23.49 0.64
CA VAL B 170 -0.02 24.21 1.67
C VAL B 170 0.94 24.65 2.77
N GLY B 171 2.21 24.24 2.68
CA GLY B 171 3.15 24.38 3.78
C GLY B 171 2.96 23.29 4.85
N ASP B 172 3.55 23.55 6.02
CA ASP B 172 3.66 22.55 7.07
C ASP B 172 2.89 22.97 8.33
N VAL B 173 1.99 22.09 8.80
CA VAL B 173 1.10 22.42 9.90
C VAL B 173 1.91 22.46 11.18
N MET B 174 3.15 21.93 11.14
CA MET B 174 3.99 21.91 12.32
C MET B 174 4.62 23.29 12.53
N TYR B 175 4.65 24.09 11.47
CA TYR B 175 5.04 25.49 11.63
C TYR B 175 3.85 26.27 12.18
N ASP B 176 2.63 25.90 11.73
CA ASP B 176 1.41 26.46 12.31
C ASP B 176 1.41 26.14 13.80
N ALA B 177 1.69 24.88 14.15
CA ALA B 177 1.80 24.47 15.54
C ALA B 177 2.79 25.37 16.28
N ALA B 178 4.06 25.40 15.88
CA ALA B 178 5.10 26.12 16.62
C ALA B 178 4.71 27.58 16.87
N LEU B 179 4.04 28.15 15.87
CA LEU B 179 3.68 29.56 15.82
C LEU B 179 2.61 29.83 16.87
N HIS B 180 1.55 29.01 16.87
CA HIS B 180 0.39 29.18 17.72
C HIS B 180 0.68 28.85 19.18
N TYR B 181 1.59 27.89 19.46
CA TYR B 181 1.81 27.48 20.86
C TYR B 181 3.07 28.12 21.47
N GLY B 182 3.77 29.01 20.72
CA GLY B 182 5.03 29.57 21.17
C GLY B 182 4.93 30.38 22.46
N ALA B 183 3.93 31.25 22.53
CA ALA B 183 3.73 32.10 23.70
C ALA B 183 3.32 31.26 24.92
N LYS B 184 2.50 30.23 24.69
CA LYS B 184 2.12 29.33 25.75
C LYS B 184 3.33 28.57 26.30
N ALA B 185 4.19 28.05 25.42
CA ALA B 185 5.37 27.34 25.92
C ALA B 185 6.22 28.30 26.74
N GLU B 186 6.45 29.51 26.20
CA GLU B 186 7.25 30.53 26.87
C GLU B 186 6.64 30.82 28.25
N ARG B 187 5.31 30.99 28.31
CA ARG B 187 4.65 31.33 29.56
C ARG B 187 4.70 30.17 30.56
N LYS B 188 4.54 28.92 30.13
CA LYS B 188 4.23 27.86 31.09
C LYS B 188 5.38 26.88 31.36
N SER B 189 6.51 26.98 30.65
CA SER B 189 7.52 25.93 30.76
C SER B 189 8.68 26.43 31.59
N ARG B 190 9.09 25.60 32.56
CA ARG B 190 10.18 25.88 33.46
C ARG B 190 11.28 24.85 33.26
N ILE B 191 11.35 24.28 32.05
CA ILE B 191 12.22 23.12 31.84
C ILE B 191 13.66 23.56 32.08
N LEU B 192 13.99 24.81 31.69
CA LEU B 192 15.31 25.38 31.89
C LEU B 192 15.66 25.47 33.37
N GLU B 193 14.82 26.16 34.16
CA GLU B 193 14.98 26.25 35.60
C GLU B 193 15.25 24.86 36.19
N ARG B 194 14.33 23.92 35.92
CA ARG B 194 14.31 22.59 36.52
C ARG B 194 15.57 21.78 36.22
N LEU B 195 16.22 22.02 35.07
CA LEU B 195 17.43 21.30 34.70
C LEU B 195 18.67 22.11 35.11
N GLY B 196 18.49 23.42 35.29
CA GLY B 196 19.59 24.30 35.66
C GLY B 196 20.44 24.63 34.44
N LEU B 197 19.76 25.09 33.40
CA LEU B 197 20.39 25.45 32.15
C LEU B 197 20.07 26.91 31.89
N GLN B 198 20.99 27.61 31.23
CA GLN B 198 20.67 28.89 30.60
C GLN B 198 20.53 28.67 29.09
N ALA B 199 20.16 29.74 28.40
CA ALA B 199 20.03 29.76 26.95
C ALA B 199 21.41 29.59 26.31
N LYS B 200 21.44 28.89 25.17
CA LYS B 200 22.62 28.79 24.31
C LYS B 200 23.76 28.04 25.00
N GLY B 201 23.53 27.48 26.21
CA GLY B 201 24.58 26.84 26.97
C GLY B 201 24.44 25.32 27.00
N TYR B 202 23.70 24.75 26.05
CA TYR B 202 23.62 23.30 25.90
C TYR B 202 23.30 22.92 24.45
N VAL B 203 23.17 21.62 24.27
CA VAL B 203 22.86 21.01 23.00
C VAL B 203 21.72 20.03 23.26
N LEU B 204 20.69 20.05 22.40
CA LEU B 204 19.54 19.17 22.52
C LEU B 204 19.67 18.01 21.53
N ALA B 205 19.24 16.81 21.95
CA ALA B 205 19.38 15.61 21.16
C ALA B 205 18.16 14.70 21.34
N THR B 206 17.70 14.18 20.19
CA THR B 206 16.71 13.13 20.14
C THR B 206 17.18 12.13 19.10
N ILE B 207 16.91 10.85 19.38
CA ILE B 207 17.27 9.73 18.51
C ILE B 207 16.19 8.66 18.65
N HIS B 208 15.52 8.27 17.56
CA HIS B 208 14.62 7.13 17.65
C HIS B 208 14.43 6.34 16.35
N ARG B 209 15.10 6.69 15.25
CA ARG B 209 14.92 5.92 14.03
C ARG B 209 15.19 4.46 14.35
N ALA B 210 14.41 3.55 13.78
CA ALA B 210 14.68 2.14 13.95
C ALA B 210 16.09 1.82 13.45
N GLU B 211 16.49 2.46 12.34
CA GLU B 211 17.75 2.14 11.69
C GLU B 211 18.93 2.54 12.59
N ASN B 212 18.69 3.39 13.59
CA ASN B 212 19.72 3.86 14.49
C ASN B 212 19.68 3.10 15.79
N THR B 213 18.53 2.58 16.16
CA THR B 213 18.35 2.02 17.49
C THR B 213 18.36 0.50 17.40
N ASP B 214 18.03 -0.06 16.23
CA ASP B 214 17.85 -1.51 16.15
C ASP B 214 19.20 -2.20 15.96
N ASP B 215 20.21 -1.39 15.61
CA ASP B 215 21.58 -1.85 15.32
C ASP B 215 22.49 -1.41 16.46
N GLN B 216 23.05 -2.38 17.19
CA GLN B 216 23.82 -2.07 18.39
C GLN B 216 24.95 -1.08 18.09
N GLU B 217 25.61 -1.23 16.95
CA GLU B 217 26.87 -0.53 16.78
C GLU B 217 26.61 0.91 16.36
N ARG B 218 25.56 1.15 15.57
CA ARG B 218 25.20 2.53 15.27
C ARG B 218 24.76 3.25 16.54
N LEU B 219 23.99 2.57 17.41
CA LEU B 219 23.51 3.19 18.64
C LEU B 219 24.66 3.53 19.57
N ARG B 220 25.63 2.60 19.71
CA ARG B 220 26.82 2.80 20.51
C ARG B 220 27.55 4.04 20.02
N VAL B 221 27.72 4.10 18.69
CA VAL B 221 28.41 5.23 18.09
C VAL B 221 27.77 6.55 18.54
N ILE B 222 26.43 6.59 18.53
CA ILE B 222 25.69 7.81 18.81
C ILE B 222 25.82 8.16 20.29
N LEU B 223 25.56 7.18 21.14
CA LEU B 223 25.59 7.41 22.57
C LEU B 223 26.99 7.83 22.99
N GLU B 224 28.03 7.19 22.43
CA GLU B 224 29.39 7.54 22.81
C GLU B 224 29.73 8.95 22.32
N ALA B 225 29.22 9.32 21.13
CA ALA B 225 29.51 10.61 20.53
C ALA B 225 28.85 11.73 21.32
N LEU B 226 27.63 11.47 21.78
CA LEU B 226 26.93 12.38 22.68
C LEU B 226 27.67 12.53 24.02
N ALA B 227 28.06 11.39 24.62
CA ALA B 227 28.87 11.36 25.83
C ALA B 227 30.13 12.22 25.69
N GLU B 228 30.78 12.17 24.52
CA GLU B 228 31.96 12.99 24.25
C GLU B 228 31.59 14.47 24.15
N VAL B 229 30.56 14.79 23.38
CA VAL B 229 30.18 16.18 23.21
C VAL B 229 29.85 16.79 24.57
N HIS B 230 29.29 15.98 25.49
CA HIS B 230 28.77 16.43 26.78
C HIS B 230 29.90 17.00 27.63
N GLN B 231 31.09 16.40 27.49
CA GLN B 231 32.30 16.87 28.14
C GLN B 231 32.62 18.31 27.77
N GLU B 232 32.09 18.81 26.64
CA GLU B 232 32.46 20.12 26.14
C GLU B 232 31.31 21.11 26.24
N VAL B 233 30.10 20.61 25.97
CA VAL B 233 28.88 21.39 26.10
C VAL B 233 27.81 20.42 26.59
N PRO B 234 27.07 20.77 27.67
CA PRO B 234 26.07 19.84 28.22
C PRO B 234 25.12 19.33 27.13
N VAL B 235 24.72 18.07 27.23
CA VAL B 235 23.83 17.46 26.27
C VAL B 235 22.56 17.05 26.99
N VAL B 236 21.43 17.51 26.44
CA VAL B 236 20.12 17.25 27.01
C VAL B 236 19.40 16.31 26.06
N PHE B 237 18.92 15.19 26.57
CA PHE B 237 18.54 14.10 25.71
C PHE B 237 17.25 13.52 26.26
N PRO B 238 16.09 14.08 25.87
CA PRO B 238 14.82 13.39 26.10
C PRO B 238 14.81 12.10 25.27
N VAL B 239 14.71 10.96 25.96
CA VAL B 239 14.96 9.67 25.34
C VAL B 239 13.64 8.98 25.03
N HIS B 240 13.42 8.70 23.75
CA HIS B 240 12.29 7.91 23.29
C HIS B 240 12.29 6.55 24.01
N PRO B 241 11.12 5.98 24.38
CA PRO B 241 11.06 4.68 25.05
C PRO B 241 11.66 3.51 24.28
N ARG B 242 11.48 3.46 22.94
CA ARG B 242 12.15 2.45 22.12
C ARG B 242 13.66 2.62 22.23
N THR B 243 14.16 3.86 22.32
CA THR B 243 15.60 4.15 22.34
C THR B 243 16.19 3.71 23.69
N ARG B 244 15.46 3.96 24.79
CA ARG B 244 15.89 3.49 26.11
C ARG B 244 15.86 1.96 26.14
N LYS B 245 14.77 1.35 25.66
CA LYS B 245 14.57 -0.08 25.73
C LYS B 245 15.62 -0.80 24.89
N ARG B 246 16.07 -0.16 23.80
CA ARG B 246 17.16 -0.69 22.98
C ARG B 246 18.48 -0.53 23.72
N ALA B 247 18.72 0.64 24.34
CA ALA B 247 19.97 0.88 25.03
C ALA B 247 20.14 -0.12 26.18
N GLU B 248 19.05 -0.45 26.90
CA GLU B 248 19.10 -1.42 28.00
C GLU B 248 19.45 -2.83 27.49
N ALA B 249 18.75 -3.29 26.44
CA ALA B 249 18.90 -4.62 25.89
C ALA B 249 20.26 -4.86 25.24
N PHE B 250 21.01 -3.78 24.96
CA PHE B 250 22.31 -3.85 24.32
C PHE B 250 23.42 -3.64 25.35
N GLY B 251 23.05 -3.30 26.59
CA GLY B 251 24.00 -3.03 27.66
C GLY B 251 24.52 -1.58 27.67
N LEU B 252 23.97 -0.72 26.80
CA LEU B 252 24.50 0.62 26.60
C LEU B 252 23.91 1.66 27.54
N GLY B 253 23.11 1.21 28.53
CA GLY B 253 22.48 2.09 29.49
C GLY B 253 23.42 3.13 30.08
N SER B 254 24.64 2.73 30.42
CA SER B 254 25.55 3.60 31.19
C SER B 254 25.92 4.86 30.42
N TYR B 255 25.79 4.84 29.08
CA TYR B 255 26.11 6.01 28.30
C TYR B 255 25.15 7.17 28.64
N LEU B 256 23.92 6.82 29.02
CA LEU B 256 22.89 7.82 29.27
C LEU B 256 23.12 8.58 30.59
N GLU B 257 24.04 8.09 31.46
CA GLU B 257 24.42 8.77 32.68
C GLU B 257 25.39 9.89 32.34
N LYS B 258 26.09 9.74 31.21
CA LYS B 258 27.16 10.65 30.85
C LYS B 258 26.60 11.90 30.16
N VAL B 259 25.26 11.92 30.00
CA VAL B 259 24.53 13.11 29.56
C VAL B 259 23.37 13.35 30.52
N VAL B 260 22.65 14.45 30.23
CA VAL B 260 21.41 14.81 30.90
C VAL B 260 20.23 14.15 30.17
N ALA B 261 20.08 12.84 30.39
CA ALA B 261 18.98 12.04 29.88
C ALA B 261 17.71 12.29 30.66
N LEU B 262 16.64 12.66 29.94
CA LEU B 262 15.29 12.80 30.49
C LEU B 262 14.40 11.70 29.92
N GLU B 263 13.28 11.47 30.60
CA GLU B 263 12.11 10.89 29.96
C GLU B 263 11.61 11.85 28.89
N PRO B 264 10.83 11.38 27.90
CA PRO B 264 10.25 12.28 26.90
C PRO B 264 9.51 13.45 27.52
N VAL B 265 9.65 14.62 26.90
CA VAL B 265 9.00 15.82 27.36
C VAL B 265 7.77 16.12 26.49
N GLY B 266 6.89 17.00 27.01
CA GLY B 266 5.75 17.51 26.26
C GLY B 266 6.15 18.63 25.31
N TYR B 267 5.23 19.05 24.44
CA TYR B 267 5.53 19.96 23.35
C TYR B 267 6.03 21.30 23.93
N LEU B 268 5.41 21.71 25.03
CA LEU B 268 5.71 22.99 25.64
C LEU B 268 7.17 23.00 26.13
N ASP B 269 7.55 21.97 26.89
CA ASP B 269 8.94 21.89 27.32
C ASP B 269 9.86 21.79 26.12
N MET B 270 9.44 21.00 25.10
CA MET B 270 10.28 20.78 23.92
C MET B 270 10.60 22.08 23.20
N VAL B 271 9.59 22.96 23.06
CA VAL B 271 9.76 24.21 22.34
C VAL B 271 10.88 25.01 23.01
N MET B 272 10.77 25.12 24.33
CA MET B 272 11.71 25.86 25.17
CA MET B 272 11.71 25.90 25.11
C MET B 272 13.11 25.28 25.00
N LEU B 273 13.22 23.95 25.08
CA LEU B 273 14.51 23.29 24.88
C LEU B 273 15.07 23.64 23.49
N GLU B 274 14.27 23.43 22.43
CA GLU B 274 14.73 23.65 21.07
C GLU B 274 15.12 25.12 20.89
N LYS B 275 14.27 26.00 21.40
CA LYS B 275 14.36 27.44 21.21
C LYS B 275 15.69 27.93 21.75
N ASN B 276 16.08 27.43 22.93
CA ASN B 276 17.21 27.94 23.69
C ASN B 276 18.41 27.00 23.60
N ALA B 277 18.51 26.19 22.55
CA ALA B 277 19.67 25.33 22.38
C ALA B 277 20.71 26.03 21.51
N ARG B 278 21.97 25.59 21.69
CA ARG B 278 23.08 26.07 20.89
C ARG B 278 23.16 25.28 19.59
N LEU B 279 22.75 24.00 19.67
CA LEU B 279 22.69 23.13 18.51
C LEU B 279 21.76 21.95 18.78
N ILE B 280 20.99 21.57 17.77
CA ILE B 280 20.15 20.39 17.86
C ILE B 280 20.75 19.25 17.04
N VAL B 281 20.80 18.08 17.65
CA VAL B 281 21.23 16.91 16.92
C VAL B 281 20.15 15.86 17.08
N THR B 282 19.72 15.30 15.95
CA THR B 282 18.50 14.52 15.94
C THR B 282 18.49 13.57 14.75
N ASP B 283 17.79 12.45 14.90
CA ASP B 283 17.43 11.66 13.76
C ASP B 283 15.93 11.83 13.48
N SER B 284 15.30 12.88 14.06
CA SER B 284 13.86 13.15 13.92
C SER B 284 13.50 14.01 12.70
N GLY B 285 12.35 13.71 12.09
CA GLY B 285 11.79 14.57 11.05
C GLY B 285 11.43 15.98 11.54
N GLY B 286 10.41 16.08 12.41
CA GLY B 286 9.90 17.38 12.84
C GLY B 286 10.97 18.25 13.50
N VAL B 287 11.83 17.61 14.29
CA VAL B 287 12.83 18.35 15.06
C VAL B 287 13.79 19.10 14.13
N GLN B 288 14.10 18.53 12.96
CA GLN B 288 14.95 19.18 11.97
C GLN B 288 14.37 20.54 11.56
N LYS B 289 13.09 20.52 11.17
CA LYS B 289 12.35 21.73 10.77
C LYS B 289 12.27 22.70 11.95
N GLU B 290 11.99 22.17 13.15
CA GLU B 290 11.76 23.00 14.32
C GLU B 290 13.06 23.69 14.69
N ALA B 291 14.20 23.01 14.50
CA ALA B 291 15.47 23.67 14.72
C ALA B 291 15.64 24.88 13.78
N TYR B 292 15.18 24.79 12.53
CA TYR B 292 15.23 25.93 11.61
C TYR B 292 14.19 26.97 11.99
N PHE B 293 13.08 26.55 12.61
CA PHE B 293 12.10 27.54 13.03
C PHE B 293 12.77 28.53 13.98
N TYR B 294 13.76 28.08 14.75
CA TYR B 294 14.29 28.90 15.83
C TYR B 294 15.69 29.43 15.47
N ARG B 295 16.10 29.26 14.20
CA ARG B 295 17.41 29.69 13.69
C ARG B 295 18.54 29.11 14.53
N VAL B 296 18.37 27.81 14.82
CA VAL B 296 19.31 27.01 15.57
C VAL B 296 19.93 25.95 14.65
N PRO B 297 21.28 25.87 14.52
CA PRO B 297 21.92 24.87 13.66
C PRO B 297 21.54 23.45 14.07
N CYS B 298 21.42 22.56 13.09
CA CYS B 298 20.94 21.22 13.31
C CYS B 298 21.96 20.25 12.72
N VAL B 299 22.06 19.06 13.32
CA VAL B 299 22.78 17.97 12.71
C VAL B 299 21.87 16.76 12.72
N THR B 300 21.71 16.14 11.54
CA THR B 300 20.82 15.02 11.40
C THR B 300 21.63 13.74 11.30
N VAL B 301 21.49 12.86 12.30
CA VAL B 301 22.30 11.65 12.43
C VAL B 301 21.62 10.55 11.62
N ARG B 302 21.60 10.79 10.30
CA ARG B 302 21.00 9.91 9.31
C ARG B 302 21.86 9.84 8.04
N GLU B 303 21.54 8.89 7.17
CA GLU B 303 22.18 8.77 5.86
C GLU B 303 21.49 9.68 4.84
N GLU B 304 20.25 10.09 5.13
CA GLU B 304 19.49 11.01 4.30
C GLU B 304 18.43 11.74 5.14
N THR B 305 17.84 12.79 4.56
CA THR B 305 16.63 13.38 5.11
C THR B 305 15.62 13.64 3.99
N GLU B 306 14.35 13.76 4.40
CA GLU B 306 13.30 14.11 3.46
C GLU B 306 13.25 15.63 3.32
N TRP B 307 13.95 16.35 4.21
CA TRP B 307 13.75 17.78 4.35
C TRP B 307 14.92 18.51 3.71
N VAL B 308 15.13 18.24 2.41
CA VAL B 308 16.43 18.49 1.80
C VAL B 308 16.73 19.98 1.70
N GLU B 309 15.69 20.81 1.69
CA GLU B 309 15.83 22.25 1.59
C GLU B 309 16.62 22.79 2.78
N LEU B 310 16.61 22.06 3.92
CA LEU B 310 17.32 22.48 5.13
C LEU B 310 18.84 22.35 4.94
N LEU B 311 19.25 21.30 4.20
CA LEU B 311 20.63 21.10 3.79
C LEU B 311 21.06 22.18 2.80
N LYS B 312 20.22 22.53 1.83
CA LYS B 312 20.65 23.49 0.80
C LYS B 312 20.84 24.87 1.43
N ALA B 313 19.98 25.23 2.38
CA ALA B 313 20.07 26.50 3.10
C ALA B 313 21.07 26.47 4.26
N GLU B 314 21.73 25.32 4.48
CA GLU B 314 22.86 25.22 5.41
C GLU B 314 22.37 25.24 6.87
N TRP B 315 21.05 25.11 7.12
CA TRP B 315 20.54 25.04 8.48
C TRP B 315 20.82 23.66 9.08
N ASN B 316 21.03 22.67 8.21
CA ASN B 316 21.10 21.27 8.58
C ASN B 316 22.25 20.59 7.82
N TYR B 317 22.68 19.44 8.34
CA TYR B 317 23.91 18.76 7.92
C TYR B 317 23.81 17.30 8.37
N LEU B 318 23.94 16.37 7.43
CA LEU B 318 23.82 14.96 7.77
C LEU B 318 25.17 14.49 8.31
N ALA B 319 25.08 13.50 9.19
CA ALA B 319 26.25 12.85 9.78
C ALA B 319 25.80 11.44 10.18
N ALA B 320 25.90 10.53 9.22
CA ALA B 320 25.62 9.14 9.45
C ALA B 320 26.46 8.63 10.63
N PRO B 321 25.93 7.76 11.52
CA PRO B 321 26.67 7.26 12.68
C PRO B 321 27.63 6.11 12.43
N GLN B 322 28.84 6.42 11.93
CA GLN B 322 29.80 5.37 11.61
C GLN B 322 30.97 5.35 12.60
N ASN B 323 31.20 6.46 13.31
CA ASN B 323 32.41 6.67 14.10
C ASN B 323 32.14 7.67 15.22
N ALA B 324 32.17 7.20 16.46
CA ALA B 324 31.93 8.07 17.61
C ALA B 324 32.73 9.36 17.52
N LYS B 325 34.02 9.27 17.21
CA LYS B 325 34.89 10.43 17.26
C LYS B 325 34.51 11.45 16.19
N ASP B 326 34.27 10.99 14.97
CA ASP B 326 33.90 11.88 13.89
C ASP B 326 32.52 12.51 14.14
N LEU B 327 31.57 11.72 14.66
CA LEU B 327 30.21 12.20 14.85
C LEU B 327 30.25 13.35 15.85
N ALA B 328 31.01 13.15 16.93
CA ALA B 328 31.23 14.18 17.93
C ALA B 328 31.87 15.41 17.31
N LEU B 329 32.89 15.22 16.46
CA LEU B 329 33.61 16.34 15.86
C LEU B 329 32.67 17.18 14.99
N THR B 330 31.97 16.51 14.08
CA THR B 330 30.96 17.13 13.24
C THR B 330 30.00 17.96 14.08
N ILE B 331 29.51 17.39 15.19
CA ILE B 331 28.49 18.01 16.02
C ILE B 331 29.05 19.32 16.56
N LEU B 332 30.27 19.23 17.11
CA LEU B 332 30.96 20.36 17.72
C LEU B 332 31.29 21.41 16.66
N HIS B 333 31.70 21.00 15.45
CA HIS B 333 32.02 21.96 14.42
C HIS B 333 30.76 22.77 14.06
N ARG B 334 29.62 22.09 13.91
CA ARG B 334 28.44 22.71 13.32
C ARG B 334 27.79 23.72 14.27
N MET B 335 28.08 23.60 15.57
CA MET B 335 27.71 24.61 16.57
C MET B 335 28.09 26.02 16.10
N ARG B 336 29.16 26.13 15.30
CA ARG B 336 29.73 27.42 14.90
C ARG B 336 29.06 27.97 13.65
N THR B 337 28.03 27.27 13.11
CA THR B 337 27.48 27.64 11.82
C THR B 337 26.06 28.16 11.97
N LYS B 338 25.66 28.97 10.99
CA LYS B 338 24.26 29.26 10.75
C LYS B 338 23.95 29.06 9.27
N GLY B 339 22.68 28.80 8.97
CA GLY B 339 22.18 28.81 7.61
C GLY B 339 21.91 30.24 7.13
N VAL B 340 21.39 30.29 5.90
CA VAL B 340 20.95 31.48 5.18
C VAL B 340 19.56 31.84 5.68
N GLU B 341 19.22 33.14 5.62
CA GLU B 341 17.87 33.60 5.88
C GLU B 341 16.98 33.32 4.68
N ILE B 342 15.92 32.54 4.93
CA ILE B 342 14.99 32.06 3.92
C ILE B 342 13.71 31.66 4.66
N ASP B 343 12.54 31.82 4.01
CA ASP B 343 11.29 31.35 4.58
C ASP B 343 10.94 30.01 3.92
N LEU B 344 10.62 29.03 4.78
CA LEU B 344 10.18 27.71 4.37
C LEU B 344 8.85 27.42 5.07
N TYR B 345 8.12 26.48 4.51
CA TYR B 345 7.04 25.79 5.21
C TYR B 345 5.78 26.63 5.33
N GLY B 346 5.77 27.83 4.71
CA GLY B 346 4.56 28.61 4.52
C GLY B 346 4.41 29.72 5.56
N ASP B 347 3.18 30.22 5.68
CA ASP B 347 2.90 31.45 6.39
C ASP B 347 2.30 31.14 7.77
N GLY B 348 2.09 29.85 8.06
CA GLY B 348 1.63 29.42 9.37
C GLY B 348 0.13 29.09 9.36
N ARG B 349 -0.44 29.05 8.16
CA ARG B 349 -1.86 28.87 7.97
C ARG B 349 -2.13 27.69 7.02
N ALA B 350 -1.23 26.71 7.04
CA ALA B 350 -1.38 25.46 6.29
C ALA B 350 -2.68 24.78 6.67
N SER B 351 -3.05 24.90 7.95
CA SER B 351 -4.26 24.26 8.46
C SER B 351 -5.50 24.88 7.84
N GLN B 352 -5.49 26.18 7.54
CA GLN B 352 -6.66 26.88 7.00
C GLN B 352 -6.82 26.47 5.54
N LYS B 353 -5.73 26.56 4.76
CA LYS B 353 -5.71 26.07 3.39
C LYS B 353 -6.26 24.63 3.33
N ILE B 354 -5.81 23.79 4.28
CA ILE B 354 -6.24 22.41 4.29
C ILE B 354 -7.75 22.32 4.54
N SER B 355 -8.23 23.07 5.53
CA SER B 355 -9.66 23.08 5.85
C SER B 355 -10.45 23.59 4.67
N ASP B 356 -9.89 24.62 4.02
CA ASP B 356 -10.55 25.24 2.89
C ASP B 356 -10.74 24.20 1.80
N PHE B 357 -9.70 23.38 1.54
CA PHE B 357 -9.71 22.44 0.42
C PHE B 357 -10.69 21.30 0.71
N LEU B 358 -10.75 20.81 1.95
CA LEU B 358 -11.64 19.73 2.33
C LEU B 358 -13.12 20.13 2.19
N ARG B 359 -13.41 21.41 2.37
CA ARG B 359 -14.79 21.85 2.29
C ARG B 359 -15.19 22.04 0.82
N LYS B 360 -14.35 22.71 0.03
CA LYS B 360 -14.75 23.14 -1.30
C LYS B 360 -14.38 22.10 -2.36
N VAL B 361 -14.21 20.83 -1.97
CA VAL B 361 -13.67 19.85 -2.90
C VAL B 361 -14.82 19.29 -3.76
N GLY B 362 -15.93 18.90 -3.12
CA GLY B 362 -17.00 18.18 -3.78
C GLY B 362 -16.50 16.88 -4.38
N1 MJL C . -11.55 -20.13 -14.69
N3 MJL C . -12.99 -21.96 -14.13
C4 MJL C . -14.01 -21.10 -14.15
C5 MJL C . -13.81 -19.82 -14.40
C6 MJL C . -12.63 -19.32 -14.66
C2 MJL C . -11.77 -21.51 -14.40
O2 MJL C . -10.84 -22.33 -14.38
O4 MJL C . -15.10 -21.57 -13.88
PA MJL C . -10.89 -15.08 -12.73
PB MJL C . -9.68 -12.67 -13.19
O'P MJL C . -4.38 -13.21 -10.19
O'Q MJL C . -5.32 -11.79 -8.76
C1' MJL C . -8.46 -11.20 -11.32
O1A MJL C . -11.85 -14.92 -13.91
O1B MJL C . -10.60 -11.57 -13.45
C1C MJL C . -10.20 -19.66 -14.93
C2' MJL C . -7.94 -9.83 -11.79
N2' MJL C . -8.94 -9.13 -12.56
O2A MJL C . -11.55 -15.86 -11.64
O2B MJL C . -9.17 -13.36 -14.41
C2C MJL C . -9.96 -19.03 -16.28
O2C MJL C . -9.67 -19.95 -17.33
C3' MJL C . -6.66 -10.05 -12.58
N3' MJL C . -6.13 -8.81 -13.05
O3A MJL C . -10.44 -13.68 -12.21
O3B MJL C . -8.42 -12.13 -12.39
C3C MJL C . -8.78 -18.08 -16.01
O3C MJL C . -7.52 -18.68 -16.25
C4' MJL C . -5.67 -10.69 -11.67
O4' MJL C . -4.56 -11.04 -12.51
C4C MJL C . -8.92 -17.71 -14.54
O4C MJL C . -9.90 -18.63 -13.96
C5' MJL C . -6.24 -11.94 -10.96
O5' MJL C . -7.54 -11.68 -10.35
C5C MJL C . -9.44 -16.30 -14.51
O5C MJL C . -9.57 -15.80 -13.19
C6' MJL C . -5.26 -12.36 -9.89
C7' MJL C . -9.18 -7.82 -12.49
O7' MJL C . -8.54 -7.09 -11.76
C8' MJL C . -10.31 -7.24 -13.36
O43 MJL C . -6.65 -9.09 -15.24
C41 MJL C . -6.20 -8.40 -14.35
C42 MJL C . -5.71 -7.01 -14.69
N1 UDP D . -16.51 -17.35 -2.51
C2 UDP D . -17.00 -18.59 -2.20
N3 UDP D . -16.06 -19.59 -2.16
C4 UDP D . -14.70 -19.46 -2.39
C5 UDP D . -14.27 -18.13 -2.71
C6 UDP D . -15.17 -17.14 -2.77
O2 UDP D . -18.18 -18.80 -1.98
O4 UDP D . -13.98 -20.45 -2.32
C1' UDP D . -17.49 -16.24 -2.57
C2' UDP D . -17.64 -15.47 -1.26
O2' UDP D . -18.95 -14.98 -1.18
C3' UDP D . -16.59 -14.37 -1.44
C4' UDP D . -16.72 -14.05 -2.94
O4' UDP D . -17.07 -15.31 -3.56
O3' UDP D . -16.88 -13.23 -0.64
C5' UDP D . -15.47 -13.52 -3.61
O5' UDP D . -14.77 -12.64 -2.70
PA UDP D . -13.19 -12.80 -2.58
O1A UDP D . -12.83 -14.23 -2.73
O2A UDP D . -12.71 -12.08 -1.36
O3A UDP D . -12.71 -12.01 -3.89
PB UDP D . -12.51 -10.45 -4.28
O1B UDP D . -13.85 -9.97 -4.77
O2B UDP D . -12.07 -9.75 -3.02
O3B UDP D . -11.46 -10.43 -5.35
N1 MJL E . 8.79 16.14 20.71
N3 MJL E . 9.01 16.02 23.09
C4 MJL E . 10.04 15.15 22.91
C5 MJL E . 10.41 14.77 21.71
C6 MJL E . 9.81 15.24 20.64
C2 MJL E . 8.38 16.53 22.01
O2 MJL E . 7.44 17.35 22.15
O4 MJL E . 10.62 14.68 23.93
PA MJL E . 9.09 12.55 16.47
PB MJL E . 9.24 12.35 13.69
O'P MJL E . 3.32 12.21 11.87
O'Q MJL E . 3.78 10.13 11.13
C1' MJL E . 7.74 10.75 12.10
O1A MJL E . 10.46 13.19 16.61
O1B MJL E . 10.44 11.72 13.09
C1C MJL E . 8.08 16.65 19.53
C2' MJL E . 8.22 10.90 10.67
N2' MJL E . 9.68 10.87 10.51
O2A MJL E . 8.66 11.54 17.53
O2B MJL E . 9.35 13.85 13.61
C2C MJL E . 8.83 17.67 18.66
O2C MJL E . 8.71 19.04 19.02
C3' MJL E . 7.56 12.13 10.00
N3' MJL E . 8.03 12.26 8.62
O3A MJL E . 8.97 11.68 15.11
O3B MJL E . 7.91 11.92 12.88
C3C MJL E . 8.26 17.52 17.25
O3C MJL E . 7.19 18.48 16.97
C4' MJL E . 6.04 12.00 10.05
O4' MJL E . 5.39 13.25 9.71
C4C MJL E . 7.77 16.07 17.24
O4C MJL E . 7.82 15.57 18.61
C5' MJL E . 5.61 11.59 11.46
O5' MJL E . 6.35 10.45 11.95
C5C MJL E . 8.57 15.20 16.30
O5C MJL E . 8.11 13.85 16.51
C6' MJL E . 4.13 11.28 11.49
C7' MJL E . 10.28 10.20 9.49
O7' MJL E . 9.64 9.60 8.64
C8' MJL E . 11.77 10.23 9.43
O43 MJL E . 9.50 14.03 8.97
C41 MJL E . 8.93 13.16 8.25
C42 MJL E . 9.17 13.03 6.78
C1' UD1 F . 6.86 5.28 15.20
C2' UD1 F . 7.02 5.38 13.68
C3' UD1 F . 8.04 6.47 13.31
C4' UD1 F . 7.83 7.78 14.10
C5' UD1 F . 7.47 7.55 15.57
C6' UD1 F . 6.99 8.80 16.30
C7' UD1 F . 6.39 3.25 12.50
C8' UD1 F . 6.97 2.03 11.84
N2' UD1 F . 7.30 4.11 13.01
O1' UD1 F . 8.11 4.93 15.82
O3' UD1 F . 8.02 6.70 11.91
O4' UD1 F . 9.05 8.52 14.09
O5' UD1 F . 6.43 6.54 15.67
O6' UD1 F . 7.76 9.08 17.49
O7' UD1 F . 5.17 3.42 12.56
N1 UD1 F . 6.81 2.13 23.00
C2 UD1 F . 6.70 2.38 24.35
N3 UD1 F . 5.77 3.32 24.68
C4 UD1 F . 4.94 4.03 23.81
C5 UD1 F . 5.13 3.73 22.42
C6 UD1 F . 6.04 2.80 22.07
O2 UD1 F . 7.39 1.80 25.19
O4 UD1 F . 4.14 4.85 24.26
C1B UD1 F . 7.80 1.12 22.56
C2B UD1 F . 7.19 -0.27 22.35
O2' UD1 F . 8.08 -1.22 22.90
C3B UD1 F . 7.01 -0.28 20.80
C4B UD1 F . 8.26 0.48 20.36
O4B UD1 F . 8.36 1.54 21.33
O3B UD1 F . 7.00 -1.50 20.05
C5B UD1 F . 8.20 1.05 18.99
O5B UD1 F . 6.91 1.66 18.82
PA UD1 F . 6.31 1.75 17.34
O1A UD1 F . 6.37 0.39 16.72
O2A UD1 F . 5.04 2.53 17.35
O3A UD1 F . 7.43 2.69 16.67
PB UD1 F . 8.17 4.03 17.16
O1B UD1 F . 9.59 3.76 17.50
O2B UD1 F . 7.34 4.59 18.29
#